data_3M1Y
#
_entry.id   3M1Y
#
_cell.length_a   51.607
_cell.length_b   84.719
_cell.length_c   204.826
_cell.angle_alpha   90.00
_cell.angle_beta   90.00
_cell.angle_gamma   90.00
#
_symmetry.space_group_name_H-M   'P 21 21 21'
#
loop_
_entity.id
_entity.type
_entity.pdbx_description
1 polymer 'Phosphoserine phosphatase (SerB)'
2 non-polymer 'MAGNESIUM ION'
3 non-polymer 'CHLORIDE ION'
4 water water
#
_entity_poly.entity_id   1
_entity_poly.type   'polypeptide(L)'
_entity_poly.pdbx_seq_one_letter_code
;(MSE)SLQKLAVFDFDSTLVNAETIESLARAWGVFDEVKTITLKA(MSE)NGETDFHKSLILRVSKLKN(MSE)PLKLAK
EVCESLPLFEGALELVSALKEKNYKVVCFSGGFDLATNHYRDLLHLDAAFSNTLIVENDALNGLVTGH(MSE)(MSE)FS
HSKGE(MSE)LLVLQRLLNISKTNTLVVGDGANDLS(MSE)FKHAHIKIAFNAKEVLKQHATHCINEPDLALIKPLIEGH
HHHHH
;
_entity_poly.pdbx_strand_id   A,B,C,D
#
# COMPACT_ATOMS: atom_id res chain seq x y z
N SER A 2 16.42 -10.98 23.49
CA SER A 2 15.43 -12.08 23.54
C SER A 2 15.70 -13.17 22.49
N LEU A 3 16.98 -13.39 22.17
CA LEU A 3 17.41 -14.38 21.19
C LEU A 3 17.10 -13.98 19.75
N GLN A 4 18.13 -13.56 19.04
CA GLN A 4 18.01 -13.12 17.66
C GLN A 4 18.05 -14.29 16.67
N LYS A 5 17.01 -14.42 15.85
CA LYS A 5 16.98 -15.50 14.87
C LYS A 5 16.95 -15.02 13.41
N LEU A 6 17.34 -15.91 12.49
CA LEU A 6 17.34 -15.58 11.07
C LEU A 6 16.48 -16.52 10.22
N ALA A 7 15.62 -15.92 9.40
CA ALA A 7 14.75 -16.64 8.49
C ALA A 7 15.00 -16.15 7.08
N VAL A 8 15.23 -17.08 6.16
CA VAL A 8 15.49 -16.72 4.77
C VAL A 8 14.53 -17.45 3.85
N PHE A 9 13.89 -16.71 2.97
CA PHE A 9 12.94 -17.28 2.05
C PHE A 9 13.43 -17.23 0.62
N ASP A 10 13.15 -18.27 -0.15
CA ASP A 10 13.49 -18.23 -1.56
C ASP A 10 12.36 -17.38 -2.08
N PHE A 11 12.44 -16.88 -3.32
CA PHE A 11 11.36 -16.05 -3.83
C PHE A 11 10.41 -16.77 -4.80
N ASP A 12 10.92 -17.16 -5.96
CA ASP A 12 10.09 -17.83 -6.95
C ASP A 12 9.57 -19.19 -6.47
N SER A 13 8.26 -19.34 -6.57
CA SER A 13 7.59 -20.55 -6.15
C SER A 13 7.70 -20.83 -4.65
N THR A 14 8.00 -19.78 -3.89
CA THR A 14 8.07 -19.90 -2.44
C THR A 14 7.19 -18.78 -1.88
N LEU A 15 7.55 -17.53 -2.13
CA LEU A 15 6.72 -16.41 -1.66
C LEU A 15 5.67 -16.13 -2.73
N VAL A 16 6.09 -16.14 -3.99
CA VAL A 16 5.16 -15.92 -5.08
C VAL A 16 4.92 -17.22 -5.83
N ASN A 17 3.66 -17.46 -6.18
CA ASN A 17 3.27 -18.65 -6.91
C ASN A 17 3.48 -18.36 -8.39
N ALA A 18 4.75 -18.11 -8.73
CA ALA A 18 5.16 -17.81 -10.09
C ALA A 18 6.67 -17.83 -10.19
N GLU A 19 7.18 -17.87 -11.41
CA GLU A 19 8.61 -17.86 -11.65
C GLU A 19 8.80 -16.55 -12.45
N THR A 20 9.47 -15.58 -11.83
CA THR A 20 9.67 -14.27 -12.42
C THR A 20 10.13 -14.20 -13.86
N ILE A 21 11.18 -14.95 -14.19
CA ILE A 21 11.72 -14.96 -15.54
C ILE A 21 10.69 -15.43 -16.55
N GLU A 22 9.81 -16.34 -16.13
CA GLU A 22 8.80 -16.85 -17.04
C GLU A 22 7.70 -15.81 -17.27
N SER A 23 7.16 -15.26 -16.19
CA SER A 23 6.10 -14.26 -16.33
C SER A 23 6.59 -13.11 -17.18
N LEU A 24 7.89 -12.92 -17.16
CA LEU A 24 8.54 -11.87 -17.93
C LEU A 24 8.58 -12.32 -19.38
N ALA A 25 8.95 -13.57 -19.59
CA ALA A 25 9.05 -14.13 -20.93
C ALA A 25 7.76 -14.06 -21.74
N ARG A 26 6.65 -14.52 -21.15
CA ARG A 26 5.38 -14.50 -21.88
C ARG A 26 4.78 -13.11 -22.00
N ALA A 27 5.27 -12.17 -21.19
CA ALA A 27 4.77 -10.81 -21.28
C ALA A 27 5.43 -10.14 -22.48
N TRP A 28 6.57 -10.68 -22.90
CA TRP A 28 7.35 -10.18 -24.03
C TRP A 28 7.15 -11.12 -25.22
N GLY A 29 6.41 -12.20 -25.01
CA GLY A 29 6.13 -13.16 -26.06
C GLY A 29 7.23 -14.14 -26.45
N VAL A 30 8.14 -14.43 -25.53
CA VAL A 30 9.24 -15.35 -25.82
C VAL A 30 9.28 -16.51 -24.84
N PHE A 31 8.16 -16.76 -24.18
CA PHE A 31 8.11 -17.83 -23.19
C PHE A 31 8.48 -19.21 -23.75
N ASP A 32 7.96 -19.57 -24.91
CA ASP A 32 8.28 -20.88 -25.47
C ASP A 32 9.76 -21.13 -25.71
N GLU A 33 10.53 -20.06 -25.90
CA GLU A 33 11.97 -20.21 -26.10
C GLU A 33 12.65 -20.26 -24.73
N VAL A 34 12.30 -19.31 -23.86
CA VAL A 34 12.86 -19.25 -22.52
C VAL A 34 12.61 -20.54 -21.75
N LYS A 35 11.42 -21.08 -21.90
CA LYS A 35 11.04 -22.32 -21.23
C LYS A 35 12.05 -23.45 -21.48
N THR A 36 12.59 -23.51 -22.69
CA THR A 36 13.55 -24.56 -23.06
C THR A 36 15.01 -24.28 -22.70
N ILE A 37 15.33 -23.05 -22.35
CA ILE A 37 16.72 -22.72 -22.02
C ILE A 37 17.13 -23.18 -20.64
N THR A 38 17.63 -24.40 -20.55
CA THR A 38 18.11 -24.97 -19.30
C THR A 38 19.34 -25.82 -19.60
N LEU A 39 20.51 -25.17 -19.58
CA LEU A 39 21.78 -25.83 -19.87
C LEU A 39 22.31 -26.65 -18.71
N LYS A 40 23.12 -27.66 -19.03
CA LYS A 40 23.68 -28.53 -18.01
C LYS A 40 25.12 -28.93 -18.32
N GLU A 45 22.58 -31.65 -14.25
CA GLU A 45 23.45 -31.05 -13.24
C GLU A 45 23.47 -29.51 -13.40
N THR A 46 22.45 -29.00 -14.08
CA THR A 46 22.19 -27.54 -14.38
C THR A 46 23.23 -26.47 -13.97
N ASP A 47 23.55 -25.74 -15.03
CA ASP A 47 24.41 -24.58 -15.06
C ASP A 47 23.48 -23.38 -14.88
N PHE A 48 23.32 -22.97 -13.64
CA PHE A 48 22.43 -21.88 -13.32
C PHE A 48 22.81 -20.55 -13.98
N HIS A 49 24.11 -20.26 -13.97
CA HIS A 49 24.63 -19.00 -14.51
C HIS A 49 24.34 -18.74 -15.99
N LYS A 50 24.69 -19.69 -16.85
CA LYS A 50 24.49 -19.52 -18.28
C LYS A 50 23.00 -19.52 -18.59
N SER A 51 22.27 -20.45 -17.99
CA SER A 51 20.83 -20.53 -18.22
C SER A 51 20.18 -19.18 -17.99
N LEU A 52 20.47 -18.59 -16.83
CA LEU A 52 19.93 -17.30 -16.44
C LEU A 52 20.27 -16.16 -17.40
N ILE A 53 21.55 -16.01 -17.72
CA ILE A 53 21.96 -14.91 -18.59
C ILE A 53 21.40 -15.06 -20.02
N LEU A 54 21.17 -16.30 -20.44
CA LEU A 54 20.64 -16.52 -21.79
C LEU A 54 19.17 -16.15 -21.85
N ARG A 55 18.42 -16.52 -20.82
CA ARG A 55 17.00 -16.20 -20.76
C ARG A 55 16.82 -14.70 -20.70
N VAL A 56 17.64 -14.04 -19.90
CA VAL A 56 17.55 -12.61 -19.75
C VAL A 56 17.76 -11.88 -21.07
N SER A 57 18.69 -12.38 -21.87
CA SER A 57 18.99 -11.76 -23.16
C SER A 57 17.76 -11.78 -24.08
N LYS A 58 16.90 -12.79 -23.91
CA LYS A 58 15.68 -12.91 -24.70
C LYS A 58 14.77 -11.73 -24.43
N LEU A 59 15.09 -10.96 -23.40
CA LEU A 59 14.32 -9.80 -23.00
C LEU A 59 14.87 -8.48 -23.51
N LYS A 60 15.87 -8.51 -24.38
CA LYS A 60 16.44 -7.26 -24.88
C LYS A 60 15.41 -6.32 -25.49
N ASN A 61 15.44 -5.07 -25.04
CA ASN A 61 14.57 -3.99 -25.50
C ASN A 61 13.23 -3.91 -24.79
N PRO A 63 10.56 -2.74 -22.61
CA PRO A 63 10.51 -1.52 -21.81
C PRO A 63 10.45 -1.80 -20.32
N LEU A 64 11.12 -0.94 -19.55
CA LEU A 64 11.17 -1.06 -18.10
C LEU A 64 9.82 -0.96 -17.42
N LYS A 65 8.97 -0.04 -17.88
CA LYS A 65 7.66 0.12 -17.27
C LYS A 65 6.91 -1.21 -17.32
N LEU A 66 7.03 -1.92 -18.44
CA LEU A 66 6.37 -3.20 -18.58
C LEU A 66 6.96 -4.23 -17.64
N ALA A 67 8.27 -4.43 -17.72
CA ALA A 67 8.97 -5.39 -16.87
C ALA A 67 8.65 -5.14 -15.39
N LYS A 68 8.71 -3.87 -14.98
CA LYS A 68 8.42 -3.46 -13.61
C LYS A 68 6.97 -3.82 -13.22
N GLU A 69 6.05 -3.61 -14.16
CA GLU A 69 4.63 -3.90 -13.97
C GLU A 69 4.42 -5.40 -13.76
N VAL A 70 5.07 -6.20 -14.60
CA VAL A 70 4.98 -7.65 -14.51
C VAL A 70 5.59 -8.13 -13.19
N CYS A 71 6.78 -7.61 -12.87
CA CYS A 71 7.46 -8.00 -11.65
C CYS A 71 6.73 -7.62 -10.36
N GLU A 72 6.04 -6.48 -10.36
CA GLU A 72 5.32 -6.04 -9.16
C GLU A 72 3.91 -6.61 -9.08
N SER A 73 3.55 -7.48 -10.02
CA SER A 73 2.21 -8.07 -10.06
C SER A 73 2.11 -9.58 -9.90
N LEU A 74 3.21 -10.21 -9.47
CA LEU A 74 3.23 -11.65 -9.28
C LEU A 74 2.25 -12.03 -8.17
N PRO A 75 1.55 -13.16 -8.31
CA PRO A 75 0.60 -13.59 -7.26
C PRO A 75 1.31 -14.25 -6.09
N LEU A 76 0.99 -13.79 -4.88
CA LEU A 76 1.60 -14.34 -3.68
C LEU A 76 0.86 -15.60 -3.26
N PHE A 77 1.54 -16.44 -2.48
CA PHE A 77 0.91 -17.65 -1.96
C PHE A 77 0.16 -17.17 -0.72
N GLU A 78 -0.84 -17.92 -0.28
CA GLU A 78 -1.59 -17.54 0.89
C GLU A 78 -0.74 -17.72 2.15
N GLY A 79 -1.01 -16.88 3.15
CA GLY A 79 -0.28 -16.95 4.40
C GLY A 79 1.03 -16.20 4.38
N ALA A 80 1.38 -15.67 3.22
CA ALA A 80 2.61 -14.93 3.04
C ALA A 80 2.80 -13.91 4.17
N LEU A 81 1.98 -12.87 4.19
CA LEU A 81 2.07 -11.83 5.20
C LEU A 81 2.01 -12.39 6.63
N GLU A 82 1.05 -13.28 6.85
CA GLU A 82 0.81 -13.92 8.14
C GLU A 82 2.06 -14.64 8.65
N LEU A 83 2.75 -15.35 7.76
CA LEU A 83 3.95 -16.07 8.13
C LEU A 83 5.05 -15.10 8.52
N VAL A 84 5.27 -14.11 7.66
CA VAL A 84 6.31 -13.13 7.92
C VAL A 84 6.08 -12.37 9.22
N SER A 85 4.86 -11.92 9.48
CA SER A 85 4.58 -11.20 10.73
C SER A 85 4.80 -12.11 11.93
N ALA A 86 4.41 -13.38 11.79
CA ALA A 86 4.57 -14.34 12.88
C ALA A 86 6.07 -14.56 13.17
N LEU A 87 6.89 -14.50 12.12
CA LEU A 87 8.32 -14.68 12.28
C LEU A 87 8.95 -13.46 12.96
N LYS A 88 8.55 -12.27 12.54
CA LYS A 88 9.10 -11.06 13.13
C LYS A 88 8.70 -10.89 14.60
N GLU A 89 7.50 -11.33 14.96
CA GLU A 89 7.04 -11.21 16.32
C GLU A 89 7.77 -12.18 17.22
N LYS A 90 8.61 -13.00 16.62
CA LYS A 90 9.38 -13.95 17.41
C LYS A 90 10.88 -13.68 17.31
N ASN A 91 11.20 -12.41 17.09
CA ASN A 91 12.59 -11.95 16.99
C ASN A 91 13.41 -12.58 15.86
N TYR A 92 12.76 -12.72 14.72
CA TYR A 92 13.40 -13.26 13.52
C TYR A 92 13.72 -12.12 12.59
N LYS A 93 14.90 -12.17 12.00
CA LYS A 93 15.29 -11.18 11.00
C LYS A 93 14.76 -11.95 9.79
N VAL A 94 13.88 -11.34 8.99
CA VAL A 94 13.33 -12.04 7.82
C VAL A 94 13.91 -11.51 6.53
N VAL A 95 14.58 -12.38 5.79
CA VAL A 95 15.24 -12.01 4.55
C VAL A 95 14.80 -12.88 3.37
N CYS A 96 14.97 -12.35 2.16
CA CYS A 96 14.61 -13.06 0.96
C CYS A 96 15.77 -13.16 -0.06
N PHE A 97 16.03 -14.36 -0.55
CA PHE A 97 17.08 -14.64 -1.55
C PHE A 97 16.41 -15.00 -2.87
N SER A 98 16.89 -14.42 -3.97
CA SER A 98 16.30 -14.74 -5.25
C SER A 98 17.22 -14.73 -6.47
N GLY A 99 17.20 -15.85 -7.19
CA GLY A 99 18.00 -15.93 -8.39
C GLY A 99 17.32 -15.02 -9.40
N GLY A 100 16.19 -14.44 -8.99
CA GLY A 100 15.44 -13.53 -9.84
C GLY A 100 15.94 -12.10 -9.82
N PHE A 101 15.02 -11.14 -9.88
CA PHE A 101 15.43 -9.74 -9.95
C PHE A 101 14.81 -8.82 -8.93
N ASP A 102 15.52 -7.75 -8.57
CA ASP A 102 15.01 -6.85 -7.56
C ASP A 102 13.82 -6.00 -7.96
N LEU A 103 13.47 -5.95 -9.24
CA LEU A 103 12.28 -5.19 -9.64
C LEU A 103 11.18 -5.92 -8.90
N ALA A 104 11.30 -7.24 -8.87
CA ALA A 104 10.33 -8.07 -8.18
C ALA A 104 10.58 -8.04 -6.68
N THR A 105 11.76 -8.46 -6.24
CA THR A 105 12.07 -8.54 -4.81
C THR A 105 11.99 -7.25 -4.01
N ASN A 106 12.30 -6.12 -4.62
CA ASN A 106 12.20 -4.87 -3.89
C ASN A 106 10.76 -4.55 -3.54
N HIS A 107 9.87 -4.84 -4.47
CA HIS A 107 8.45 -4.58 -4.25
C HIS A 107 7.91 -5.45 -3.12
N TYR A 108 8.14 -6.75 -3.17
CA TYR A 108 7.62 -7.65 -2.14
C TYR A 108 8.29 -7.48 -0.81
N ARG A 109 9.53 -6.99 -0.82
CA ARG A 109 10.25 -6.76 0.43
C ARG A 109 9.51 -5.67 1.18
N ASP A 110 9.11 -4.61 0.46
CA ASP A 110 8.37 -3.51 1.09
C ASP A 110 6.97 -3.93 1.49
N LEU A 111 6.32 -4.68 0.61
CA LEU A 111 4.96 -5.16 0.84
C LEU A 111 4.85 -6.13 2.02
N LEU A 112 5.84 -6.98 2.20
CA LEU A 112 5.83 -7.95 3.29
C LEU A 112 6.63 -7.46 4.47
N HIS A 113 7.28 -6.31 4.32
CA HIS A 113 8.11 -5.75 5.38
C HIS A 113 9.28 -6.68 5.73
N LEU A 114 9.93 -7.21 4.69
CA LEU A 114 11.10 -8.05 4.87
C LEU A 114 12.24 -7.13 5.27
N ASP A 115 13.14 -7.62 6.11
CA ASP A 115 14.27 -6.80 6.53
C ASP A 115 15.25 -6.56 5.40
N ALA A 116 15.28 -7.47 4.42
CA ALA A 116 16.16 -7.33 3.26
C ALA A 116 15.84 -8.34 2.15
N ALA A 117 16.34 -8.05 0.96
CA ALA A 117 16.15 -8.91 -0.18
C ALA A 117 17.45 -8.86 -0.96
N PHE A 118 17.86 -10.00 -1.50
CA PHE A 118 19.10 -10.07 -2.29
C PHE A 118 18.80 -10.87 -3.55
N SER A 119 18.90 -10.21 -4.69
CA SER A 119 18.66 -10.85 -5.95
C SER A 119 19.57 -10.21 -6.98
N ASN A 120 19.22 -10.32 -8.26
CA ASN A 120 20.04 -9.72 -9.30
C ASN A 120 19.35 -8.53 -9.94
N THR A 121 20.07 -7.83 -10.81
CA THR A 121 19.55 -6.64 -11.46
C THR A 121 19.44 -6.79 -12.96
N LEU A 122 18.32 -6.35 -13.53
CA LEU A 122 18.12 -6.41 -14.97
C LEU A 122 18.64 -5.05 -15.47
N ILE A 123 19.79 -5.06 -16.13
CA ILE A 123 20.37 -3.82 -16.61
C ILE A 123 19.51 -3.05 -17.59
N VAL A 124 19.30 -1.78 -17.30
CA VAL A 124 18.44 -0.92 -18.12
C VAL A 124 19.22 0.13 -18.89
N GLU A 125 18.81 0.35 -20.13
CA GLU A 125 19.44 1.35 -20.99
C GLU A 125 18.35 2.13 -21.73
N ASN A 126 18.31 3.43 -21.52
CA ASN A 126 17.31 4.29 -22.16
C ASN A 126 15.88 3.79 -21.98
N ASP A 127 15.48 3.57 -20.73
CA ASP A 127 14.12 3.12 -20.40
C ASP A 127 13.71 1.72 -20.85
N ALA A 128 14.68 0.88 -21.19
CA ALA A 128 14.37 -0.48 -21.60
C ALA A 128 15.46 -1.45 -21.18
N LEU A 129 15.08 -2.71 -21.01
CA LEU A 129 16.04 -3.74 -20.63
C LEU A 129 17.01 -3.92 -21.78
N ASN A 130 18.30 -4.03 -21.47
CA ASN A 130 19.29 -4.22 -22.52
C ASN A 130 19.72 -5.68 -22.67
N GLY A 131 19.00 -6.58 -22.01
CA GLY A 131 19.31 -8.00 -22.09
C GLY A 131 20.41 -8.51 -21.16
N LEU A 132 21.03 -7.62 -20.39
CA LEU A 132 22.10 -8.02 -19.48
C LEU A 132 21.66 -8.16 -18.03
N VAL A 133 22.41 -8.92 -17.24
CA VAL A 133 22.08 -9.11 -15.83
C VAL A 133 23.33 -9.42 -14.98
N THR A 134 23.34 -8.89 -13.76
CA THR A 134 24.42 -9.10 -12.81
C THR A 134 23.81 -9.00 -11.41
N GLY A 135 24.59 -9.27 -10.36
CA GLY A 135 24.04 -9.18 -9.02
C GLY A 135 24.55 -10.14 -7.95
N HIS A 136 23.77 -10.26 -6.88
CA HIS A 136 24.10 -11.10 -5.75
C HIS A 136 23.97 -12.61 -5.96
N PHE A 139 25.25 -17.38 -9.34
CA PHE A 139 25.73 -18.76 -9.46
C PHE A 139 24.83 -19.67 -8.65
N SER A 140 24.88 -20.97 -8.90
CA SER A 140 23.99 -21.87 -8.17
C SER A 140 24.27 -22.06 -6.68
N HIS A 141 25.42 -21.65 -6.20
CA HIS A 141 25.69 -21.81 -4.77
C HIS A 141 25.65 -20.46 -4.08
N SER A 142 25.12 -19.47 -4.81
CA SER A 142 25.00 -18.10 -4.31
C SER A 142 24.20 -17.90 -3.04
N LYS A 143 23.19 -18.74 -2.80
CA LYS A 143 22.38 -18.58 -1.59
C LYS A 143 23.14 -19.04 -0.36
N GLY A 144 23.81 -20.18 -0.46
CA GLY A 144 24.57 -20.69 0.67
C GLY A 144 25.61 -19.67 1.09
N GLU A 145 26.31 -19.10 0.12
CA GLU A 145 27.34 -18.11 0.38
C GLU A 145 26.80 -16.88 1.11
N LEU A 147 24.16 -16.63 2.77
CA LEU A 147 23.63 -17.01 4.07
C LEU A 147 24.77 -16.96 5.08
N LEU A 148 25.93 -17.49 4.72
CA LEU A 148 27.08 -17.46 5.62
C LEU A 148 27.42 -16.01 5.89
N VAL A 149 27.38 -15.19 4.84
CA VAL A 149 27.66 -13.77 4.97
C VAL A 149 26.74 -13.15 6.02
N LEU A 150 25.44 -13.33 5.84
CA LEU A 150 24.47 -12.80 6.77
C LEU A 150 24.66 -13.31 8.20
N GLN A 151 24.92 -14.61 8.34
CA GLN A 151 25.11 -15.17 9.66
C GLN A 151 26.30 -14.53 10.38
N ARG A 152 27.37 -14.28 9.63
CA ARG A 152 28.55 -13.66 10.22
C ARG A 152 28.27 -12.19 10.46
N LEU A 153 27.45 -11.59 9.59
CA LEU A 153 27.10 -10.18 9.71
C LEU A 153 26.19 -9.88 10.89
N LEU A 154 25.12 -10.65 11.01
CA LEU A 154 24.16 -10.45 12.09
C LEU A 154 24.58 -11.22 13.32
N ASN A 155 25.58 -12.09 13.15
CA ASN A 155 26.08 -12.91 14.24
C ASN A 155 24.97 -13.81 14.76
N ILE A 156 24.44 -14.62 13.86
CA ILE A 156 23.39 -15.57 14.17
C ILE A 156 23.91 -16.92 13.71
N SER A 157 23.78 -17.92 14.57
CA SER A 157 24.26 -19.26 14.23
C SER A 157 23.33 -20.06 13.34
N LYS A 158 23.86 -21.21 12.90
CA LYS A 158 23.15 -22.17 12.06
C LYS A 158 21.94 -22.63 12.87
N THR A 159 22.18 -22.88 14.16
CA THR A 159 21.15 -23.35 15.07
C THR A 159 19.96 -22.40 15.12
N ASN A 160 20.24 -21.12 14.94
CA ASN A 160 19.18 -20.11 14.98
C ASN A 160 18.74 -19.62 13.62
N THR A 161 18.92 -20.45 12.61
CA THR A 161 18.56 -20.08 11.24
C THR A 161 17.49 -21.00 10.67
N LEU A 162 16.50 -20.41 10.02
CA LEU A 162 15.42 -21.18 9.40
C LEU A 162 15.44 -20.82 7.92
N VAL A 163 15.23 -21.82 7.08
CA VAL A 163 15.26 -21.64 5.63
C VAL A 163 14.04 -22.29 4.94
N VAL A 164 13.51 -21.62 3.92
CA VAL A 164 12.34 -22.11 3.19
C VAL A 164 12.53 -21.92 1.70
N GLY A 165 12.47 -23.02 0.96
CA GLY A 165 12.65 -22.96 -0.48
C GLY A 165 11.89 -24.08 -1.14
N ASP A 166 11.92 -24.13 -2.46
CA ASP A 166 11.19 -25.16 -3.17
C ASP A 166 11.98 -25.93 -4.21
N GLY A 167 13.12 -25.39 -4.63
CA GLY A 167 13.90 -26.05 -5.66
C GLY A 167 15.31 -26.48 -5.31
N ALA A 168 15.93 -27.17 -6.28
CA ALA A 168 17.29 -27.69 -6.14
C ALA A 168 18.27 -26.61 -5.74
N ASN A 169 18.03 -25.40 -6.25
CA ASN A 169 18.88 -24.26 -5.95
C ASN A 169 18.95 -23.91 -4.47
N ASP A 170 17.95 -24.30 -3.70
CA ASP A 170 17.94 -23.97 -2.28
C ASP A 170 18.80 -24.87 -1.41
N LEU A 171 19.34 -25.93 -2.00
CA LEU A 171 20.21 -26.86 -1.28
C LEU A 171 21.38 -26.14 -0.62
N SER A 172 22.01 -25.21 -1.35
CA SER A 172 23.15 -24.48 -0.81
C SER A 172 22.76 -23.69 0.44
N PHE A 174 20.06 -24.78 2.38
CA PHE A 174 19.70 -25.84 3.33
C PHE A 174 20.89 -26.27 4.19
N LYS A 175 22.08 -26.31 3.60
CA LYS A 175 23.29 -26.72 4.31
C LYS A 175 23.58 -25.94 5.57
N HIS A 176 23.33 -24.64 5.57
CA HIS A 176 23.65 -23.86 6.75
C HIS A 176 22.48 -23.50 7.66
N ALA A 177 21.42 -24.29 7.60
CA ALA A 177 20.25 -24.02 8.43
C ALA A 177 19.90 -25.21 9.33
N HIS A 178 19.29 -24.90 10.47
CA HIS A 178 18.86 -25.93 11.42
C HIS A 178 17.47 -26.39 10.98
N ILE A 179 16.61 -25.43 10.69
CA ILE A 179 15.26 -25.74 10.24
C ILE A 179 15.24 -25.52 8.73
N LYS A 180 14.87 -26.57 8.00
CA LYS A 180 14.82 -26.52 6.55
C LYS A 180 13.42 -26.89 6.09
N ILE A 181 12.70 -25.94 5.50
CA ILE A 181 11.36 -26.23 5.05
C ILE A 181 11.30 -26.36 3.53
N ALA A 182 10.80 -27.50 3.06
CA ALA A 182 10.65 -27.73 1.63
C ALA A 182 9.18 -27.44 1.36
N PHE A 183 8.91 -26.27 0.79
CA PHE A 183 7.56 -25.83 0.48
C PHE A 183 7.14 -26.24 -0.94
N ASN A 184 6.22 -27.19 -1.04
CA ASN A 184 5.76 -27.69 -2.34
C ASN A 184 6.99 -27.85 -3.23
N ALA A 185 8.03 -28.43 -2.63
CA ALA A 185 9.31 -28.59 -3.26
C ALA A 185 9.57 -29.78 -4.19
N LYS A 186 10.68 -29.68 -4.92
CA LYS A 186 11.13 -30.72 -5.82
C LYS A 186 11.71 -31.84 -4.96
N GLU A 187 11.65 -33.07 -5.47
CA GLU A 187 12.14 -34.25 -4.79
C GLU A 187 13.49 -34.10 -4.09
N VAL A 188 14.47 -33.59 -4.82
CA VAL A 188 15.81 -33.44 -4.27
C VAL A 188 15.85 -32.60 -2.99
N LEU A 189 15.08 -31.51 -2.97
CA LEU A 189 15.05 -30.62 -1.82
C LEU A 189 14.27 -31.24 -0.66
N LYS A 190 13.12 -31.86 -0.97
CA LYS A 190 12.30 -32.50 0.06
C LYS A 190 13.11 -33.50 0.86
N GLN A 191 13.95 -34.24 0.14
CA GLN A 191 14.79 -35.26 0.74
C GLN A 191 15.84 -34.78 1.74
N HIS A 192 16.10 -33.48 1.79
CA HIS A 192 17.08 -32.92 2.75
C HIS A 192 16.37 -32.00 3.74
N ALA A 193 15.05 -31.90 3.62
CA ALA A 193 14.30 -31.01 4.48
C ALA A 193 14.11 -31.52 5.90
N THR A 194 13.78 -30.58 6.79
CA THR A 194 13.49 -30.88 8.17
C THR A 194 11.96 -31.06 8.21
N HIS A 195 11.29 -30.36 7.29
CA HIS A 195 9.83 -30.45 7.19
C HIS A 195 9.38 -30.14 5.76
N CYS A 196 8.37 -30.88 5.30
CA CYS A 196 7.82 -30.65 3.97
C CYS A 196 6.41 -30.13 4.08
N ILE A 197 6.09 -29.14 3.26
CA ILE A 197 4.75 -28.56 3.21
C ILE A 197 4.30 -28.80 1.79
N ASN A 198 3.29 -29.65 1.62
CA ASN A 198 2.79 -29.98 0.31
C ASN A 198 1.50 -29.27 -0.05
N GLU A 199 1.15 -28.26 0.73
CA GLU A 199 -0.06 -27.48 0.50
C GLU A 199 0.39 -26.03 0.17
N PRO A 200 -0.22 -25.41 -0.85
CA PRO A 200 0.14 -24.05 -1.23
C PRO A 200 -0.30 -22.96 -0.24
N ASP A 201 0.09 -23.08 1.02
CA ASP A 201 -0.23 -22.09 2.02
C ASP A 201 0.93 -21.94 2.98
N LEU A 202 1.54 -20.77 2.98
CA LEU A 202 2.68 -20.47 3.85
C LEU A 202 2.35 -20.49 5.35
N ALA A 203 1.10 -20.23 5.70
CA ALA A 203 0.71 -20.21 7.11
C ALA A 203 0.93 -21.58 7.78
N LEU A 204 0.87 -22.66 6.98
CA LEU A 204 1.05 -24.03 7.49
C LEU A 204 2.38 -24.19 8.18
N ILE A 205 3.23 -23.20 7.97
CA ILE A 205 4.57 -23.25 8.55
C ILE A 205 4.61 -22.72 9.96
N LYS A 206 3.58 -21.99 10.33
CA LYS A 206 3.58 -21.40 11.65
C LYS A 206 3.65 -22.29 12.80
N PRO A 207 3.03 -23.45 12.69
CA PRO A 207 3.06 -24.35 13.83
C PRO A 207 4.48 -24.72 14.21
N LEU A 208 5.44 -24.32 13.38
CA LEU A 208 6.86 -24.59 13.60
C LEU A 208 7.55 -23.58 14.44
N GLN B 4 24.42 0.86 18.97
CA GLN B 4 24.68 0.06 17.74
C GLN B 4 24.99 0.98 16.56
N LYS B 5 26.25 1.02 16.16
CA LYS B 5 26.66 1.87 15.06
C LYS B 5 27.27 1.11 13.88
N LEU B 6 27.31 1.79 12.74
CA LEU B 6 27.83 1.17 11.52
C LEU B 6 28.98 1.94 10.89
N ALA B 7 30.09 1.23 10.65
CA ALA B 7 31.26 1.83 10.02
C ALA B 7 31.57 1.10 8.71
N VAL B 8 31.53 1.81 7.60
CA VAL B 8 31.82 1.17 6.32
C VAL B 8 33.07 1.76 5.67
N PHE B 9 33.93 0.85 5.21
CA PHE B 9 35.22 1.20 4.59
C PHE B 9 35.29 0.85 3.12
N ASP B 10 35.92 1.72 2.33
CA ASP B 10 36.16 1.45 0.91
C ASP B 10 37.43 0.58 0.99
N PHE B 11 37.70 -0.21 -0.03
CA PHE B 11 38.87 -1.08 0.01
C PHE B 11 40.10 -0.51 -0.70
N ASP B 12 40.02 -0.36 -2.02
CA ASP B 12 41.14 0.15 -2.77
C ASP B 12 41.45 1.60 -2.41
N SER B 13 42.68 1.79 -1.95
CA SER B 13 43.20 3.11 -1.53
C SER B 13 42.61 3.68 -0.25
N THR B 14 41.97 2.83 0.55
CA THR B 14 41.38 3.22 1.83
C THR B 14 41.87 2.24 2.90
N LEU B 15 41.62 0.95 2.70
CA LEU B 15 42.08 -0.05 3.66
C LEU B 15 43.47 -0.50 3.22
N VAL B 16 43.61 -0.76 1.92
CA VAL B 16 44.88 -1.19 1.36
C VAL B 16 45.46 -0.08 0.49
N ASN B 17 46.77 0.13 0.62
CA ASN B 17 47.45 1.13 -0.17
C ASN B 17 47.77 0.49 -1.49
N ALA B 18 46.73 0.21 -2.26
CA ALA B 18 46.88 -0.42 -3.56
C ALA B 18 45.57 -0.38 -4.31
N GLU B 19 45.61 -0.74 -5.58
CA GLU B 19 44.42 -0.76 -6.41
C GLU B 19 44.34 -2.19 -6.95
N THR B 20 43.47 -2.99 -6.35
CA THR B 20 43.29 -4.38 -6.72
C THR B 20 43.44 -4.68 -8.21
N ILE B 21 42.60 -4.07 -9.03
CA ILE B 21 42.65 -4.32 -10.46
C ILE B 21 43.99 -4.09 -11.15
N GLU B 22 44.74 -3.05 -10.79
CA GLU B 22 46.03 -2.87 -11.49
C GLU B 22 47.14 -3.76 -10.96
N SER B 23 47.12 -4.07 -9.67
CA SER B 23 48.13 -4.96 -9.12
C SER B 23 48.05 -6.24 -9.96
N LEU B 24 46.82 -6.70 -10.22
CA LEU B 24 46.61 -7.89 -11.03
C LEU B 24 47.03 -7.66 -12.49
N ALA B 25 46.64 -6.51 -13.03
CA ALA B 25 46.97 -6.18 -14.41
C ALA B 25 48.48 -6.28 -14.68
N ARG B 26 49.26 -5.60 -13.85
CA ARG B 26 50.70 -5.61 -14.03
C ARG B 26 51.31 -6.97 -13.70
N ALA B 27 50.80 -7.63 -12.68
CA ALA B 27 51.30 -8.95 -12.31
C ALA B 27 51.08 -9.90 -13.49
N TRP B 28 50.15 -9.56 -14.36
CA TRP B 28 49.82 -10.37 -15.53
C TRP B 28 50.35 -9.77 -16.82
N GLY B 29 51.02 -8.61 -16.71
CA GLY B 29 51.60 -7.95 -17.86
C GLY B 29 50.70 -7.19 -18.83
N VAL B 30 49.52 -6.82 -18.38
CA VAL B 30 48.58 -6.10 -19.25
C VAL B 30 48.28 -4.76 -18.60
N PHE B 31 49.26 -4.25 -17.87
CA PHE B 31 49.13 -3.00 -17.15
C PHE B 31 48.84 -1.78 -18.00
N ASP B 32 49.56 -1.59 -19.10
CA ASP B 32 49.32 -0.42 -19.93
C ASP B 32 47.91 -0.38 -20.51
N GLU B 33 47.44 -1.52 -21.02
CA GLU B 33 46.09 -1.59 -21.58
C GLU B 33 45.08 -1.20 -20.51
N VAL B 34 45.16 -1.85 -19.36
CA VAL B 34 44.26 -1.55 -18.26
C VAL B 34 44.41 -0.11 -17.81
N LYS B 35 45.66 0.35 -17.72
CA LYS B 35 45.96 1.73 -17.32
C LYS B 35 45.19 2.71 -18.19
N THR B 36 45.25 2.50 -19.50
CA THR B 36 44.56 3.37 -20.44
C THR B 36 43.08 3.41 -20.08
N ILE B 37 42.51 2.24 -19.86
CA ILE B 37 41.10 2.12 -19.53
C ILE B 37 40.78 2.65 -18.12
N THR B 38 41.67 2.49 -17.15
CA THR B 38 41.39 3.00 -15.81
C THR B 38 41.22 4.50 -15.99
N LEU B 39 42.05 5.07 -16.86
CA LEU B 39 41.96 6.48 -17.18
C LEU B 39 40.73 6.49 -18.08
N LYS B 40 40.30 7.65 -18.55
CA LYS B 40 39.09 7.72 -19.39
C LYS B 40 37.92 7.54 -18.43
N ALA B 41 37.92 6.43 -17.70
CA ALA B 41 36.88 6.15 -16.73
C ALA B 41 36.94 7.22 -15.64
N ASN B 43 38.19 9.97 -16.25
CA ASN B 43 38.10 11.19 -17.04
C ASN B 43 36.86 11.24 -17.94
N GLY B 44 35.72 10.86 -17.36
CA GLY B 44 34.44 10.88 -18.05
C GLY B 44 34.21 10.16 -19.38
N GLU B 45 35.21 9.52 -19.96
CA GLU B 45 35.00 8.85 -21.25
C GLU B 45 34.13 7.60 -21.21
N THR B 46 34.25 6.79 -20.18
CA THR B 46 33.42 5.61 -20.12
C THR B 46 32.93 5.49 -18.69
N ASP B 47 31.76 4.89 -18.50
CA ASP B 47 31.23 4.76 -17.15
C ASP B 47 31.94 3.66 -16.41
N PHE B 48 31.87 3.77 -15.10
CA PHE B 48 32.51 2.81 -14.24
C PHE B 48 32.24 1.36 -14.63
N HIS B 49 30.97 1.06 -14.90
CA HIS B 49 30.54 -0.27 -15.27
C HIS B 49 31.24 -0.89 -16.48
N LYS B 50 31.34 -0.16 -17.57
CA LYS B 50 32.00 -0.70 -18.76
C LYS B 50 33.50 -0.86 -18.48
N SER B 51 34.07 0.11 -17.77
CA SER B 51 35.49 0.10 -17.40
C SER B 51 35.85 -1.20 -16.72
N LEU B 52 35.11 -1.49 -15.64
CA LEU B 52 35.32 -2.70 -14.85
C LEU B 52 35.33 -3.93 -15.76
N ILE B 53 34.29 -4.05 -16.58
CA ILE B 53 34.17 -5.19 -17.48
C ILE B 53 35.32 -5.29 -18.46
N LEU B 54 35.74 -4.15 -19.00
CA LEU B 54 36.83 -4.12 -19.97
C LEU B 54 38.18 -4.42 -19.35
N ARG B 55 38.42 -3.90 -18.16
CA ARG B 55 39.68 -4.14 -17.48
C ARG B 55 39.85 -5.60 -17.05
N VAL B 56 38.74 -6.26 -16.68
CA VAL B 56 38.80 -7.66 -16.25
C VAL B 56 39.08 -8.64 -17.39
N SER B 57 38.60 -8.31 -18.59
CA SER B 57 38.81 -9.15 -19.76
C SER B 57 40.31 -9.28 -20.08
N LYS B 58 41.09 -8.33 -19.60
CA LYS B 58 42.52 -8.33 -19.83
C LYS B 58 43.22 -9.32 -18.91
N LEU B 59 42.47 -9.89 -17.97
CA LEU B 59 43.01 -10.84 -17.01
C LEU B 59 42.77 -12.29 -17.40
N LYS B 60 42.13 -12.50 -18.54
CA LYS B 60 41.82 -13.85 -18.99
C LYS B 60 43.02 -14.81 -18.94
N ASN B 61 42.74 -16.05 -18.57
CA ASN B 61 43.74 -17.11 -18.49
C ASN B 61 44.70 -17.02 -17.32
N PRO B 63 46.12 -17.74 -13.89
CA PRO B 63 45.87 -18.79 -12.90
C PRO B 63 45.14 -18.22 -11.68
N LEU B 64 44.23 -19.02 -11.12
CA LEU B 64 43.49 -18.57 -9.96
C LEU B 64 44.37 -18.55 -8.75
N LYS B 65 45.28 -19.51 -8.63
CA LYS B 65 46.17 -19.56 -7.48
C LYS B 65 47.06 -18.32 -7.46
N LEU B 66 47.60 -17.96 -8.62
CA LEU B 66 48.45 -16.78 -8.74
C LEU B 66 47.66 -15.52 -8.51
N ALA B 67 46.42 -15.50 -8.99
CA ALA B 67 45.54 -14.35 -8.79
C ALA B 67 45.25 -14.18 -7.28
N LYS B 68 44.97 -15.28 -6.59
CA LYS B 68 44.69 -15.23 -5.16
C LYS B 68 45.93 -14.74 -4.42
N GLU B 69 47.08 -15.29 -4.80
CA GLU B 69 48.35 -14.92 -4.19
C GLU B 69 48.58 -13.40 -4.26
N VAL B 70 48.40 -12.83 -5.45
CA VAL B 70 48.58 -11.39 -5.61
C VAL B 70 47.57 -10.62 -4.77
N CYS B 71 46.32 -11.04 -4.81
CA CYS B 71 45.26 -10.39 -4.03
C CYS B 71 45.47 -10.46 -2.52
N GLU B 72 46.16 -11.49 -2.03
CA GLU B 72 46.39 -11.61 -0.59
C GLU B 72 47.74 -11.03 -0.17
N SER B 73 48.39 -10.32 -1.09
CA SER B 73 49.69 -9.70 -0.82
C SER B 73 49.63 -8.19 -0.77
N LEU B 74 48.44 -7.62 -0.95
CA LEU B 74 48.27 -6.18 -0.92
C LEU B 74 48.64 -5.59 0.43
N PRO B 75 49.41 -4.50 0.42
CA PRO B 75 49.82 -3.87 1.68
C PRO B 75 48.70 -3.10 2.36
N LEU B 76 48.42 -3.44 3.61
CA LEU B 76 47.41 -2.73 4.37
C LEU B 76 47.90 -1.32 4.65
N PHE B 77 46.98 -0.45 5.04
CA PHE B 77 47.34 0.91 5.39
C PHE B 77 47.71 0.82 6.86
N GLU B 78 48.72 1.57 7.27
CA GLU B 78 49.14 1.54 8.66
C GLU B 78 47.96 1.96 9.53
N GLY B 79 47.80 1.31 10.67
CA GLY B 79 46.71 1.65 11.57
C GLY B 79 45.45 0.86 11.28
N ALA B 80 45.50 0.05 10.23
CA ALA B 80 44.36 -0.76 9.82
C ALA B 80 43.70 -1.48 10.99
N LEU B 81 44.38 -2.48 11.54
CA LEU B 81 43.84 -3.25 12.66
C LEU B 81 43.50 -2.38 13.85
N GLU B 82 44.25 -1.29 14.02
CA GLU B 82 44.02 -0.35 15.12
C GLU B 82 42.61 0.19 15.10
N LEU B 83 42.22 0.73 13.96
CA LEU B 83 40.90 1.31 13.79
C LEU B 83 39.78 0.29 13.96
N VAL B 84 39.93 -0.87 13.32
CA VAL B 84 38.93 -1.92 13.41
C VAL B 84 38.72 -2.26 14.89
N SER B 85 39.83 -2.43 15.60
CA SER B 85 39.77 -2.73 17.03
C SER B 85 39.13 -1.59 17.78
N ALA B 86 39.53 -0.37 17.44
CA ALA B 86 38.99 0.83 18.07
C ALA B 86 37.49 0.93 17.83
N LEU B 87 37.09 0.80 16.58
CA LEU B 87 35.67 0.88 16.21
C LEU B 87 34.82 -0.16 16.92
N LYS B 88 35.29 -1.39 16.98
CA LYS B 88 34.50 -2.43 17.63
C LYS B 88 34.22 -2.12 19.10
N GLU B 89 35.16 -1.43 19.76
CA GLU B 89 34.97 -1.08 21.16
C GLU B 89 33.81 -0.09 21.28
N LYS B 90 33.66 0.78 20.29
CA LYS B 90 32.58 1.76 20.31
C LYS B 90 31.30 1.17 19.75
N ASN B 91 31.20 -0.15 19.81
CA ASN B 91 30.03 -0.89 19.33
C ASN B 91 29.76 -0.66 17.85
N TYR B 92 30.81 -0.68 17.05
CA TYR B 92 30.68 -0.47 15.62
C TYR B 92 30.71 -1.77 14.83
N LYS B 93 29.79 -1.91 13.89
CA LYS B 93 29.75 -3.09 13.04
C LYS B 93 30.68 -2.65 11.90
N VAL B 94 31.79 -3.35 11.73
CA VAL B 94 32.75 -2.97 10.70
C VAL B 94 32.53 -3.73 9.40
N VAL B 95 32.26 -2.98 8.32
CA VAL B 95 32.00 -3.56 7.01
C VAL B 95 32.80 -2.88 5.88
N CYS B 96 33.14 -3.64 4.85
CA CYS B 96 33.89 -3.11 3.73
C CYS B 96 33.15 -3.25 2.39
N PHE B 97 33.12 -2.15 1.63
CA PHE B 97 32.51 -2.10 0.30
C PHE B 97 33.63 -1.95 -0.74
N SER B 98 33.54 -2.66 -1.85
CA SER B 98 34.56 -2.56 -2.86
C SER B 98 34.05 -2.79 -4.25
N GLY B 99 34.42 -1.89 -5.17
CA GLY B 99 34.04 -2.06 -6.56
C GLY B 99 34.99 -3.12 -7.10
N GLY B 100 35.82 -3.65 -6.20
CA GLY B 100 36.79 -4.67 -6.55
C GLY B 100 36.31 -6.11 -6.53
N PHE B 101 37.18 -7.02 -6.09
CA PHE B 101 36.84 -8.44 -6.11
C PHE B 101 36.97 -9.13 -4.76
N ASP B 102 36.03 -10.02 -4.45
CA ASP B 102 36.04 -10.70 -3.15
C ASP B 102 37.27 -11.56 -2.95
N LEU B 103 37.90 -11.98 -4.04
CA LEU B 103 39.11 -12.78 -3.95
C LEU B 103 40.10 -12.08 -3.03
N ALA B 104 40.02 -10.75 -2.99
CA ALA B 104 40.90 -9.94 -2.15
C ALA B 104 40.18 -9.51 -0.87
N THR B 105 39.02 -8.88 -1.03
CA THR B 105 38.27 -8.42 0.13
C THR B 105 37.90 -9.51 1.10
N ASN B 106 37.73 -10.75 0.63
CA ASN B 106 37.39 -11.84 1.55
C ASN B 106 38.58 -12.15 2.46
N HIS B 107 39.78 -12.05 1.90
CA HIS B 107 41.01 -12.31 2.66
C HIS B 107 41.14 -11.32 3.80
N TYR B 108 41.08 -10.04 3.45
CA TYR B 108 41.21 -8.97 4.43
C TYR B 108 40.03 -8.98 5.38
N ARG B 109 38.87 -9.39 4.88
CA ARG B 109 37.69 -9.46 5.71
C ARG B 109 38.01 -10.36 6.89
N ASP B 110 38.53 -11.54 6.58
CA ASP B 110 38.87 -12.55 7.57
C ASP B 110 40.06 -12.15 8.45
N LEU B 111 41.05 -11.53 7.84
CA LEU B 111 42.24 -11.10 8.56
C LEU B 111 41.92 -10.07 9.65
N LEU B 112 41.19 -9.03 9.28
CA LEU B 112 40.79 -7.98 10.22
C LEU B 112 39.49 -8.35 10.93
N HIS B 113 39.02 -9.57 10.67
CA HIS B 113 37.78 -10.03 11.27
C HIS B 113 36.64 -9.02 11.11
N LEU B 114 36.47 -8.50 9.90
CA LEU B 114 35.39 -7.57 9.65
C LEU B 114 34.09 -8.38 9.70
N ASP B 115 32.99 -7.71 10.04
CA ASP B 115 31.71 -8.40 10.11
C ASP B 115 31.25 -8.82 8.72
N ALA B 116 31.66 -8.05 7.71
CA ALA B 116 31.29 -8.36 6.34
C ALA B 116 32.10 -7.58 5.33
N ALA B 117 31.97 -7.97 4.07
CA ALA B 117 32.66 -7.32 2.98
C ALA B 117 31.85 -7.62 1.73
N PHE B 118 31.51 -6.58 0.98
CA PHE B 118 30.72 -6.75 -0.23
C PHE B 118 31.54 -6.28 -1.42
N SER B 119 31.77 -7.20 -2.37
CA SER B 119 32.58 -6.94 -3.55
C SER B 119 31.96 -7.58 -4.77
N ASN B 120 32.73 -7.57 -5.86
CA ASN B 120 32.36 -8.20 -7.11
C ASN B 120 33.11 -9.52 -7.21
N THR B 121 32.76 -10.32 -8.20
CA THR B 121 33.39 -11.63 -8.37
C THR B 121 34.05 -11.88 -9.72
N LEU B 122 35.25 -12.46 -9.67
CA LEU B 122 35.99 -12.82 -10.86
C LEU B 122 35.58 -14.24 -11.19
N ILE B 123 34.95 -14.44 -12.34
CA ILE B 123 34.51 -15.77 -12.72
C ILE B 123 35.71 -16.64 -13.03
N VAL B 124 35.64 -17.90 -12.62
CA VAL B 124 36.73 -18.82 -12.84
C VAL B 124 36.33 -20.03 -13.67
N GLU B 125 37.18 -20.34 -14.64
CA GLU B 125 36.93 -21.45 -15.54
C GLU B 125 38.19 -22.33 -15.58
N ASN B 126 38.04 -23.62 -15.25
CA ASN B 126 39.17 -24.54 -15.26
C ASN B 126 40.38 -23.99 -14.51
N ASP B 127 40.12 -23.53 -13.29
CA ASP B 127 41.15 -22.99 -12.41
C ASP B 127 41.92 -21.74 -12.84
N ALA B 128 41.39 -21.01 -13.81
CA ALA B 128 42.02 -19.78 -14.29
C ALA B 128 40.94 -18.71 -14.44
N LEU B 129 41.34 -17.44 -14.32
CA LEU B 129 40.39 -16.36 -14.48
C LEU B 129 39.77 -16.42 -15.87
N ASN B 130 38.46 -16.26 -15.88
CA ASN B 130 37.62 -16.30 -17.07
C ASN B 130 37.72 -15.04 -17.96
N GLY B 131 38.02 -13.90 -17.34
CA GLY B 131 38.09 -12.66 -18.08
C GLY B 131 36.78 -11.90 -17.83
N LEU B 132 35.85 -12.59 -17.18
CA LEU B 132 34.55 -12.03 -16.86
C LEU B 132 34.39 -11.73 -15.38
N VAL B 133 33.50 -10.80 -15.06
CA VAL B 133 33.23 -10.41 -13.69
C VAL B 133 31.74 -10.08 -13.53
N THR B 134 31.20 -10.33 -12.35
CA THR B 134 29.81 -10.03 -12.07
C THR B 134 29.67 -9.78 -10.58
N GLY B 135 28.49 -9.37 -10.15
CA GLY B 135 28.31 -9.15 -8.74
C GLY B 135 27.50 -7.97 -8.24
N HIS B 136 27.72 -7.71 -6.96
CA HIS B 136 27.10 -6.68 -6.16
C HIS B 136 27.37 -5.20 -6.55
N PHE B 139 28.21 -0.90 -10.27
CA PHE B 139 27.87 0.44 -10.72
C PHE B 139 28.33 1.48 -9.71
N SER B 140 28.55 2.70 -10.17
CA SER B 140 29.02 3.76 -9.30
C SER B 140 28.04 4.20 -8.22
N HIS B 141 26.80 3.73 -8.28
CA HIS B 141 25.82 4.09 -7.26
C HIS B 141 25.56 2.86 -6.41
N SER B 142 26.30 1.80 -6.71
CA SER B 142 26.18 0.52 -6.00
C SER B 142 26.41 0.62 -4.49
N LYS B 143 27.54 1.21 -4.11
CA LYS B 143 27.88 1.36 -2.69
C LYS B 143 26.78 2.04 -1.89
N GLY B 144 26.19 3.10 -2.45
CA GLY B 144 25.14 3.81 -1.75
C GLY B 144 23.94 2.91 -1.54
N GLU B 145 23.48 2.32 -2.64
CA GLU B 145 22.34 1.42 -2.61
C GLU B 145 22.59 0.28 -1.62
N LEU B 147 24.55 0.43 1.04
CA LEU B 147 24.51 1.02 2.38
C LEU B 147 23.06 1.11 2.87
N LEU B 148 22.17 1.49 1.97
CA LEU B 148 20.75 1.57 2.29
C LEU B 148 20.25 0.19 2.71
N VAL B 149 20.53 -0.83 1.90
CA VAL B 149 20.12 -2.20 2.22
C VAL B 149 20.64 -2.59 3.60
N LEU B 150 21.89 -2.23 3.88
CA LEU B 150 22.51 -2.51 5.16
C LEU B 150 21.79 -1.82 6.31
N GLN B 151 21.59 -0.51 6.18
CA GLN B 151 20.92 0.26 7.21
C GLN B 151 19.56 -0.32 7.55
N ARG B 152 18.79 -0.67 6.51
CA ARG B 152 17.48 -1.26 6.73
C ARG B 152 17.61 -2.63 7.39
N LEU B 153 18.56 -3.45 6.93
CA LEU B 153 18.75 -4.80 7.47
C LEU B 153 19.12 -4.83 8.95
N LEU B 154 20.03 -3.97 9.35
CA LEU B 154 20.47 -3.91 10.74
C LEU B 154 19.62 -2.93 11.54
N ASN B 155 18.84 -2.13 10.83
CA ASN B 155 17.99 -1.11 11.44
C ASN B 155 18.86 -0.05 12.12
N ILE B 156 19.89 0.40 11.40
CA ILE B 156 20.80 1.42 11.88
C ILE B 156 20.53 2.67 11.08
N SER B 157 20.40 3.80 11.77
CA SER B 157 20.12 5.07 11.11
C SER B 157 21.35 5.66 10.46
N LYS B 158 21.11 6.64 9.59
CA LYS B 158 22.19 7.33 8.90
C LYS B 158 23.04 8.08 9.93
N THR B 159 22.37 8.66 10.92
CA THR B 159 23.04 9.41 11.98
C THR B 159 24.15 8.59 12.63
N ASN B 160 23.93 7.29 12.78
CA ASN B 160 24.92 6.41 13.41
C ASN B 160 25.87 5.73 12.42
N THR B 161 25.82 6.17 11.17
CA THR B 161 26.68 5.61 10.14
C THR B 161 27.94 6.45 9.90
N LEU B 162 29.09 5.77 9.87
CA LEU B 162 30.37 6.41 9.64
C LEU B 162 30.96 5.80 8.37
N VAL B 163 31.27 6.64 7.40
CA VAL B 163 31.84 6.18 6.12
C VAL B 163 33.26 6.69 5.87
N VAL B 164 34.10 5.82 5.30
CA VAL B 164 35.48 6.18 4.99
C VAL B 164 35.81 5.77 3.56
N GLY B 165 36.16 6.75 2.73
CA GLY B 165 36.49 6.49 1.33
C GLY B 165 37.54 7.43 0.78
N ASP B 166 38.00 7.16 -0.45
CA ASP B 166 39.04 7.98 -1.08
C ASP B 166 38.72 8.38 -2.50
N GLY B 167 37.72 7.77 -3.11
CA GLY B 167 37.41 8.10 -4.49
C GLY B 167 36.01 8.63 -4.74
N ALA B 168 35.74 9.03 -5.98
CA ALA B 168 34.45 9.57 -6.36
C ALA B 168 33.36 8.51 -6.25
N ASN B 169 33.72 7.28 -6.53
CA ASN B 169 32.77 6.17 -6.44
C ASN B 169 32.19 6.08 -5.03
N ASP B 170 32.86 6.73 -4.08
CA ASP B 170 32.40 6.71 -2.69
C ASP B 170 31.36 7.78 -2.34
N LEU B 171 31.04 8.65 -3.29
CA LEU B 171 30.05 9.69 -3.06
C LEU B 171 28.69 9.04 -2.81
N SER B 172 28.47 7.88 -3.41
CA SER B 172 27.21 7.16 -3.25
C SER B 172 26.94 6.83 -1.79
N PHE B 174 28.42 8.23 0.69
CA PHE B 174 28.64 9.46 1.44
C PHE B 174 27.27 10.10 1.66
N LYS B 175 26.43 10.05 0.63
CA LYS B 175 25.10 10.63 0.66
C LYS B 175 24.16 10.03 1.69
N HIS B 176 24.57 8.97 2.37
CA HIS B 176 23.73 8.33 3.37
C HIS B 176 24.50 8.13 4.67
N ALA B 177 25.46 8.99 4.93
CA ALA B 177 26.24 8.88 6.14
C ALA B 177 26.29 10.19 6.92
N HIS B 178 26.42 10.06 8.23
CA HIS B 178 26.50 11.21 9.13
C HIS B 178 27.97 11.62 9.12
N ILE B 179 28.83 10.68 9.47
CA ILE B 179 30.27 10.93 9.52
C ILE B 179 30.92 10.47 8.21
N LYS B 180 31.25 11.44 7.36
CA LYS B 180 31.88 11.16 6.06
C LYS B 180 33.38 11.47 6.12
N ILE B 181 34.21 10.44 6.00
CA ILE B 181 35.66 10.61 6.07
C ILE B 181 36.36 10.37 4.73
N ALA B 182 37.10 11.37 4.29
CA ALA B 182 37.86 11.31 3.04
C ALA B 182 39.33 11.00 3.34
N PHE B 183 39.70 9.72 3.25
CA PHE B 183 41.06 9.28 3.54
C PHE B 183 41.97 9.46 2.34
N ASN B 184 42.85 10.45 2.42
CA ASN B 184 43.79 10.74 1.33
C ASN B 184 43.03 10.60 0.01
N ALA B 185 41.92 11.31 -0.08
CA ALA B 185 41.05 11.24 -1.24
C ALA B 185 41.24 12.30 -2.32
N LYS B 186 40.44 12.15 -3.37
CA LYS B 186 40.43 13.07 -4.50
C LYS B 186 39.58 14.26 -4.05
N GLU B 187 39.91 15.45 -4.56
CA GLU B 187 39.19 16.66 -4.20
C GLU B 187 37.67 16.52 -4.24
N VAL B 188 37.18 15.82 -5.26
CA VAL B 188 35.76 15.61 -5.44
C VAL B 188 35.08 14.98 -4.20
N LEU B 189 35.78 14.05 -3.56
CA LEU B 189 35.23 13.39 -2.38
C LEU B 189 35.44 14.32 -1.17
N LYS B 190 36.58 14.98 -1.14
CA LYS B 190 36.92 15.92 -0.09
C LYS B 190 35.83 16.99 0.04
N GLN B 191 35.23 17.36 -1.09
CA GLN B 191 34.18 18.37 -1.14
C GLN B 191 32.93 18.06 -0.28
N HIS B 192 32.47 16.81 -0.31
CA HIS B 192 31.30 16.41 0.47
C HIS B 192 31.72 15.82 1.80
N ALA B 193 33.02 15.86 2.09
CA ALA B 193 33.55 15.29 3.33
C ALA B 193 33.17 16.08 4.57
N THR B 194 33.47 15.48 5.73
CA THR B 194 33.19 16.04 7.04
C THR B 194 34.53 16.13 7.80
N HIS B 195 35.46 15.28 7.39
CA HIS B 195 36.80 15.24 7.98
C HIS B 195 37.74 14.72 6.91
N CYS B 196 38.93 15.29 6.82
CA CYS B 196 39.90 14.82 5.85
C CYS B 196 41.14 14.35 6.59
N ILE B 197 41.76 13.30 6.05
CA ILE B 197 42.98 12.74 6.64
C ILE B 197 43.97 12.71 5.49
N ASN B 198 44.93 13.61 5.52
CA ASN B 198 45.93 13.68 4.47
C ASN B 198 47.19 12.96 4.87
N GLU B 199 47.03 11.94 5.71
CA GLU B 199 48.16 11.16 6.19
C GLU B 199 47.87 9.66 6.04
N PRO B 200 48.76 8.92 5.37
CA PRO B 200 48.62 7.47 5.14
C PRO B 200 48.58 6.63 6.41
N ASP B 201 47.88 7.13 7.42
CA ASP B 201 47.78 6.45 8.70
C ASP B 201 46.30 6.37 9.05
N LEU B 202 45.77 5.15 9.15
CA LEU B 202 44.35 4.93 9.47
C LEU B 202 43.97 5.07 10.94
N ALA B 203 44.95 5.04 11.84
CA ALA B 203 44.63 5.16 13.25
C ALA B 203 44.25 6.60 13.58
N LEU B 204 44.48 7.49 12.63
CA LEU B 204 44.16 8.90 12.81
C LEU B 204 42.67 9.17 12.86
N ILE B 205 41.88 8.13 12.58
CA ILE B 205 40.43 8.28 12.61
C ILE B 205 39.88 8.01 14.02
N LYS B 206 40.68 7.35 14.85
CA LYS B 206 40.26 7.02 16.20
C LYS B 206 39.70 8.20 17.01
N PRO B 207 40.31 9.38 16.87
CA PRO B 207 39.81 10.54 17.62
C PRO B 207 38.42 10.99 17.18
N LEU B 208 37.96 10.51 16.04
CA LEU B 208 36.66 10.88 15.52
C LEU B 208 35.59 9.86 15.88
N ILE B 209 36.02 8.66 16.27
CA ILE B 209 35.10 7.59 16.65
C ILE B 209 34.72 7.72 18.13
N SER C 2 -6.29 -8.37 17.29
CA SER C 2 -7.77 -8.43 17.13
C SER C 2 -8.38 -7.04 16.98
N LEU C 3 -7.57 -6.00 16.86
CA LEU C 3 -8.16 -4.67 16.72
C LEU C 3 -8.93 -4.54 15.39
N GLN C 4 -10.04 -3.81 15.44
CA GLN C 4 -10.91 -3.61 14.29
C GLN C 4 -10.26 -2.86 13.12
N LYS C 5 -10.47 -3.37 11.92
CA LYS C 5 -9.92 -2.73 10.73
C LYS C 5 -11.06 -2.42 9.76
N LEU C 6 -10.76 -1.68 8.71
CA LEU C 6 -11.77 -1.31 7.73
C LEU C 6 -11.38 -1.63 6.30
N ALA C 7 -12.25 -2.36 5.61
CA ALA C 7 -12.03 -2.70 4.20
C ALA C 7 -13.15 -2.10 3.34
N VAL C 8 -12.78 -1.19 2.44
CA VAL C 8 -13.79 -0.60 1.58
C VAL C 8 -13.53 -0.97 0.14
N PHE C 9 -14.60 -1.43 -0.52
CA PHE C 9 -14.56 -1.88 -1.92
C PHE C 9 -15.38 -1.01 -2.84
N ASP C 10 -14.89 -0.83 -4.06
CA ASP C 10 -15.62 -0.12 -5.09
C ASP C 10 -16.50 -1.23 -5.60
N PHE C 11 -17.62 -0.89 -6.22
CA PHE C 11 -18.56 -1.85 -6.74
C PHE C 11 -18.28 -2.22 -8.20
N ASP C 12 -18.54 -1.27 -9.11
CA ASP C 12 -18.35 -1.47 -10.54
C ASP C 12 -16.92 -1.77 -10.97
N SER C 13 -16.76 -2.92 -11.61
CA SER C 13 -15.47 -3.41 -12.11
C SER C 13 -14.44 -3.72 -11.03
N THR C 14 -14.93 -3.97 -9.82
CA THR C 14 -14.09 -4.34 -8.69
C THR C 14 -14.78 -5.57 -8.09
N LEU C 15 -16.01 -5.41 -7.60
CA LEU C 15 -16.73 -6.55 -7.04
C LEU C 15 -17.49 -7.26 -8.15
N VAL C 16 -18.17 -6.50 -9.01
CA VAL C 16 -18.91 -7.09 -10.11
C VAL C 16 -18.12 -6.86 -11.38
N ASN C 17 -17.99 -7.88 -12.21
CA ASN C 17 -17.26 -7.78 -13.46
C ASN C 17 -18.18 -7.18 -14.48
N ALA C 18 -18.51 -5.91 -14.27
CA ALA C 18 -19.38 -5.16 -15.15
C ALA C 18 -19.57 -3.75 -14.62
N GLU C 19 -20.18 -2.91 -15.43
CA GLU C 19 -20.45 -1.52 -15.06
C GLU C 19 -21.98 -1.48 -15.06
N THR C 20 -22.56 -1.20 -13.90
CA THR C 20 -24.01 -1.18 -13.72
C THR C 20 -24.79 -0.31 -14.72
N ILE C 21 -24.39 0.95 -14.84
CA ILE C 21 -25.06 1.86 -15.74
C ILE C 21 -25.07 1.36 -17.19
N GLU C 22 -23.96 0.82 -17.68
CA GLU C 22 -23.99 0.37 -19.05
C GLU C 22 -24.67 -0.98 -19.23
N SER C 23 -24.87 -1.71 -18.12
CA SER C 23 -25.58 -2.98 -18.19
C SER C 23 -27.05 -2.59 -18.27
N LEU C 24 -27.35 -1.44 -17.65
CA LEU C 24 -28.69 -0.89 -17.63
C LEU C 24 -29.02 -0.35 -19.02
N ALA C 25 -28.03 0.31 -19.64
CA ALA C 25 -28.21 0.89 -20.96
C ALA C 25 -28.39 -0.17 -22.06
N ARG C 26 -27.65 -1.27 -21.98
CA ARG C 26 -27.75 -2.31 -22.99
C ARG C 26 -29.07 -3.06 -22.86
N ALA C 27 -29.75 -2.89 -21.73
CA ALA C 27 -31.03 -3.53 -21.50
C ALA C 27 -32.14 -2.63 -22.04
N TRP C 28 -31.98 -1.34 -21.77
CA TRP C 28 -32.94 -0.34 -22.21
C TRP C 28 -32.78 -0.07 -23.70
N GLY C 29 -31.59 -0.33 -24.22
CA GLY C 29 -31.34 -0.11 -25.64
C GLY C 29 -30.71 1.22 -25.97
N VAL C 30 -29.87 1.71 -25.07
CA VAL C 30 -29.18 2.98 -25.29
C VAL C 30 -27.72 2.83 -24.88
N PHE C 31 -27.21 1.60 -25.02
CA PHE C 31 -25.84 1.27 -24.68
C PHE C 31 -24.87 2.26 -25.29
N ASP C 32 -25.07 2.57 -26.57
CA ASP C 32 -24.24 3.50 -27.33
C ASP C 32 -24.16 4.93 -26.82
N GLU C 33 -25.30 5.60 -26.68
CA GLU C 33 -25.31 6.97 -26.20
C GLU C 33 -24.63 7.08 -24.84
N VAL C 34 -24.84 6.06 -24.00
CA VAL C 34 -24.27 6.04 -22.66
C VAL C 34 -22.77 5.78 -22.69
N LYS C 35 -22.37 4.75 -23.43
CA LYS C 35 -20.97 4.38 -23.54
C LYS C 35 -20.13 5.56 -24.02
N THR C 36 -20.75 6.46 -24.80
CA THR C 36 -20.05 7.63 -25.30
C THR C 36 -19.86 8.63 -24.16
N ILE C 37 -20.95 8.91 -23.46
CA ILE C 37 -20.93 9.87 -22.35
C ILE C 37 -19.85 9.56 -21.33
N THR C 38 -19.64 8.29 -21.03
CA THR C 38 -18.63 7.92 -20.06
C THR C 38 -17.25 8.19 -20.63
N LEU C 39 -17.05 7.81 -21.90
CA LEU C 39 -15.76 8.01 -22.56
C LEU C 39 -15.41 9.49 -22.67
N LYS C 40 -16.39 10.31 -23.04
CA LYS C 40 -16.15 11.73 -23.17
C LYS C 40 -15.82 12.31 -21.79
N ALA C 41 -16.26 11.59 -20.76
CA ALA C 41 -16.00 11.98 -19.39
C ALA C 41 -14.67 11.35 -18.99
N ASN C 43 -11.92 11.34 -21.20
CA ASN C 43 -10.95 11.87 -22.15
C ASN C 43 -10.62 13.22 -21.52
N GLY C 44 -11.09 13.37 -20.28
CA GLY C 44 -10.87 14.60 -19.54
C GLY C 44 -12.17 15.28 -19.23
N THR C 46 -15.92 15.95 -19.30
CA THR C 46 -17.13 16.14 -18.51
C THR C 46 -16.96 15.76 -17.04
N ASP C 47 -17.64 16.53 -16.20
CA ASP C 47 -17.67 16.36 -14.76
C ASP C 47 -18.18 14.96 -14.47
N PHE C 48 -17.73 14.36 -13.36
CA PHE C 48 -18.23 13.03 -13.04
C PHE C 48 -19.72 13.20 -12.79
N HIS C 49 -20.05 14.25 -12.04
CA HIS C 49 -21.43 14.55 -11.68
C HIS C 49 -22.29 14.61 -12.94
N LYS C 50 -21.97 15.53 -13.86
CA LYS C 50 -22.75 15.65 -15.09
C LYS C 50 -22.82 14.34 -15.84
N SER C 51 -21.70 13.61 -15.86
CA SER C 51 -21.64 12.33 -16.55
C SER C 51 -22.67 11.38 -15.99
N LEU C 52 -22.84 11.44 -14.68
CA LEU C 52 -23.78 10.57 -14.00
C LEU C 52 -25.23 10.85 -14.33
N ILE C 53 -25.64 12.11 -14.19
CA ILE C 53 -27.03 12.48 -14.45
C ILE C 53 -27.43 12.41 -15.93
N LEU C 54 -26.53 12.77 -16.84
CA LEU C 54 -26.85 12.72 -18.26
C LEU C 54 -27.06 11.27 -18.66
N ARG C 55 -26.20 10.38 -18.16
CA ARG C 55 -26.31 8.98 -18.50
C ARG C 55 -27.56 8.35 -17.92
N VAL C 56 -27.91 8.71 -16.70
CA VAL C 56 -29.11 8.16 -16.08
C VAL C 56 -30.36 8.72 -16.76
N SER C 57 -30.27 9.97 -17.20
CA SER C 57 -31.39 10.62 -17.87
C SER C 57 -31.75 9.90 -19.16
N LYS C 58 -30.86 9.04 -19.65
CA LYS C 58 -31.08 8.27 -20.86
C LYS C 58 -31.90 7.02 -20.57
N LEU C 59 -32.14 6.76 -19.29
CA LEU C 59 -32.89 5.57 -18.88
C LEU C 59 -34.34 5.88 -18.57
N LYS C 60 -34.79 7.09 -18.92
CA LYS C 60 -36.16 7.50 -18.67
C LYS C 60 -37.19 6.53 -19.26
N ASN C 61 -38.21 6.21 -18.48
CA ASN C 61 -39.28 5.30 -18.87
C ASN C 61 -38.92 3.82 -18.82
N PRO C 63 -38.88 0.26 -17.41
CA PRO C 63 -39.68 -0.49 -16.42
C PRO C 63 -38.82 -0.86 -15.21
N LEU C 64 -39.33 -0.62 -14.01
CA LEU C 64 -38.58 -0.96 -12.81
C LEU C 64 -38.36 -2.46 -12.69
N LYS C 65 -39.28 -3.27 -13.23
CA LYS C 65 -39.11 -4.73 -13.17
C LYS C 65 -37.79 -5.04 -13.85
N LEU C 66 -37.59 -4.44 -15.01
CA LEU C 66 -36.34 -4.58 -15.76
C LEU C 66 -35.45 -3.65 -14.92
N ALA C 67 -34.18 -3.52 -15.24
CA ALA C 67 -33.34 -2.65 -14.42
C ALA C 67 -33.10 -3.36 -13.09
N LYS C 68 -34.19 -3.72 -12.42
CA LYS C 68 -34.10 -4.43 -11.15
C LYS C 68 -33.61 -5.83 -11.44
N GLU C 69 -33.99 -6.36 -12.60
CA GLU C 69 -33.56 -7.69 -12.99
C GLU C 69 -32.11 -7.60 -13.45
N VAL C 70 -31.77 -6.51 -14.14
CA VAL C 70 -30.42 -6.30 -14.61
C VAL C 70 -29.50 -6.17 -13.38
N CYS C 71 -29.84 -5.27 -12.47
CA CYS C 71 -29.03 -5.05 -11.27
C CYS C 71 -28.78 -6.27 -10.40
N GLU C 72 -29.65 -7.27 -10.47
CA GLU C 72 -29.45 -8.46 -9.65
C GLU C 72 -28.86 -9.63 -10.46
N SER C 73 -28.41 -9.33 -11.69
CA SER C 73 -27.82 -10.33 -12.55
C SER C 73 -26.41 -9.94 -12.98
N LEU C 74 -25.84 -8.93 -12.34
CA LEU C 74 -24.49 -8.55 -12.70
C LEU C 74 -23.52 -9.65 -12.24
N PRO C 75 -22.63 -10.11 -13.12
CA PRO C 75 -21.65 -11.16 -12.80
C PRO C 75 -20.63 -10.72 -11.75
N LEU C 76 -20.38 -11.58 -10.77
CA LEU C 76 -19.42 -11.27 -9.72
C LEU C 76 -18.04 -11.77 -10.08
N PHE C 77 -17.01 -11.06 -9.61
CA PHE C 77 -15.66 -11.50 -9.85
C PHE C 77 -15.44 -12.69 -8.93
N GLU C 78 -14.71 -13.70 -9.39
CA GLU C 78 -14.42 -14.86 -8.53
C GLU C 78 -13.70 -14.34 -7.29
N GLY C 79 -13.89 -15.03 -6.17
CA GLY C 79 -13.25 -14.64 -4.93
C GLY C 79 -13.95 -13.55 -4.13
N ALA C 80 -14.96 -12.90 -4.71
CA ALA C 80 -15.69 -11.84 -4.01
C ALA C 80 -16.08 -12.28 -2.59
N LEU C 81 -16.99 -13.25 -2.50
CA LEU C 81 -17.47 -13.78 -1.23
C LEU C 81 -16.36 -14.32 -0.34
N GLU C 82 -15.43 -15.05 -0.96
CA GLU C 82 -14.32 -15.64 -0.23
C GLU C 82 -13.45 -14.58 0.41
N LEU C 83 -13.20 -13.50 -0.32
CA LEU C 83 -12.37 -12.40 0.17
C LEU C 83 -13.07 -11.68 1.32
N VAL C 84 -14.37 -11.42 1.13
CA VAL C 84 -15.10 -10.71 2.16
C VAL C 84 -15.15 -11.53 3.44
N SER C 85 -15.30 -12.84 3.33
CA SER C 85 -15.33 -13.71 4.53
C SER C 85 -13.97 -13.72 5.20
N ALA C 86 -12.92 -13.70 4.38
CA ALA C 86 -11.57 -13.69 4.91
C ALA C 86 -11.34 -12.35 5.61
N LEU C 87 -11.99 -11.29 5.15
CA LEU C 87 -11.79 -10.00 5.83
C LEU C 87 -12.53 -9.98 7.16
N LYS C 88 -13.78 -10.43 7.17
CA LYS C 88 -14.55 -10.42 8.40
C LYS C 88 -13.94 -11.33 9.46
N GLU C 89 -13.38 -12.47 9.05
CA GLU C 89 -12.77 -13.38 10.01
C GLU C 89 -11.59 -12.69 10.71
N LYS C 90 -10.93 -11.79 9.98
CA LYS C 90 -9.79 -11.05 10.54
C LYS C 90 -10.24 -9.74 11.21
N ASN C 91 -11.52 -9.68 11.56
CA ASN C 91 -12.11 -8.52 12.23
C ASN C 91 -12.14 -7.21 11.43
N TYR C 92 -12.49 -7.31 10.15
CA TYR C 92 -12.59 -6.12 9.31
C TYR C 92 -14.06 -5.85 9.10
N LYS C 93 -14.34 -4.55 8.97
CA LYS C 93 -15.68 -4.12 8.60
C LYS C 93 -15.45 -4.09 7.17
N VAL C 94 -16.36 -4.63 6.42
CA VAL C 94 -16.23 -4.63 4.99
C VAL C 94 -17.37 -3.83 4.45
N VAL C 95 -17.04 -2.87 3.59
CA VAL C 95 -18.03 -1.96 3.04
C VAL C 95 -17.83 -1.70 1.54
N CYS C 96 -18.90 -1.24 0.90
CA CYS C 96 -18.87 -0.96 -0.51
C CYS C 96 -19.37 0.46 -0.83
N PHE C 97 -18.57 1.21 -1.59
CA PHE C 97 -18.95 2.55 -2.02
C PHE C 97 -19.19 2.45 -3.52
N SER C 98 -20.19 3.16 -4.02
CA SER C 98 -20.47 3.08 -5.44
C SER C 98 -21.17 4.29 -5.99
N GLY C 99 -20.62 4.83 -7.07
CA GLY C 99 -21.26 5.96 -7.73
C GLY C 99 -22.50 5.39 -8.39
N GLY C 100 -22.71 4.09 -8.20
CA GLY C 100 -23.86 3.38 -8.75
C GLY C 100 -25.19 3.46 -7.99
N PHE C 101 -25.99 2.41 -8.08
CA PHE C 101 -27.32 2.39 -7.47
C PHE C 101 -27.61 1.29 -6.45
N ASP C 102 -28.28 1.67 -5.37
CA ASP C 102 -28.60 0.71 -4.32
C ASP C 102 -29.52 -0.40 -4.81
N LEU C 103 -30.16 -0.19 -5.95
CA LEU C 103 -31.03 -1.21 -6.49
C LEU C 103 -30.16 -2.44 -6.69
N ALA C 104 -28.90 -2.20 -7.02
CA ALA C 104 -27.94 -3.26 -7.24
C ALA C 104 -27.05 -3.53 -6.01
N THR C 105 -26.54 -2.48 -5.40
CA THR C 105 -25.66 -2.66 -4.24
C THR C 105 -26.32 -3.25 -3.02
N ASN C 106 -27.61 -3.01 -2.80
CA ASN C 106 -28.27 -3.59 -1.64
C ASN C 106 -28.29 -5.11 -1.81
N HIS C 107 -28.54 -5.54 -3.04
CA HIS C 107 -28.61 -6.95 -3.38
C HIS C 107 -27.30 -7.69 -3.12
N TYR C 108 -26.18 -7.12 -3.56
CA TYR C 108 -24.87 -7.74 -3.36
C TYR C 108 -24.35 -7.55 -1.95
N ARG C 109 -24.77 -6.48 -1.28
CA ARG C 109 -24.34 -6.26 0.08
C ARG C 109 -24.83 -7.46 0.87
N ASP C 110 -26.08 -7.83 0.63
CA ASP C 110 -26.69 -8.96 1.32
C ASP C 110 -26.10 -10.28 0.83
N LEU C 111 -26.01 -10.43 -0.49
CA LEU C 111 -25.46 -11.65 -1.08
C LEU C 111 -24.05 -11.94 -0.53
N LEU C 112 -23.23 -10.90 -0.45
CA LEU C 112 -21.85 -11.04 0.03
C LEU C 112 -21.70 -10.92 1.54
N HIS C 113 -22.77 -10.51 2.23
CA HIS C 113 -22.75 -10.31 3.68
C HIS C 113 -21.86 -9.13 4.08
N LEU C 114 -21.89 -8.06 3.30
CA LEU C 114 -21.12 -6.85 3.61
C LEU C 114 -21.79 -6.14 4.79
N ASP C 115 -21.00 -5.42 5.57
CA ASP C 115 -21.56 -4.72 6.72
C ASP C 115 -22.35 -3.50 6.28
N ALA C 116 -22.05 -2.99 5.09
CA ALA C 116 -22.76 -1.84 4.55
C ALA C 116 -22.42 -1.56 3.09
N ALA C 117 -23.35 -0.89 2.40
CA ALA C 117 -23.14 -0.51 1.01
C ALA C 117 -23.73 0.88 0.85
N PHE C 118 -22.94 1.82 0.36
CA PHE C 118 -23.39 3.20 0.16
C PHE C 118 -23.32 3.60 -1.30
N SER C 119 -24.46 3.99 -1.87
CA SER C 119 -24.50 4.40 -3.26
C SER C 119 -25.68 5.32 -3.57
N ASN C 120 -25.94 5.55 -4.86
CA ASN C 120 -27.02 6.45 -5.25
C ASN C 120 -28.34 5.74 -5.49
N THR C 121 -29.40 6.53 -5.59
CA THR C 121 -30.75 6.01 -5.77
C THR C 121 -31.38 6.42 -7.10
N LEU C 122 -31.84 5.43 -7.87
CA LEU C 122 -32.51 5.68 -9.14
C LEU C 122 -33.94 5.99 -8.77
N ILE C 123 -34.40 7.19 -9.08
CA ILE C 123 -35.75 7.60 -8.74
C ILE C 123 -36.83 6.97 -9.62
N VAL C 124 -37.85 6.41 -8.98
CA VAL C 124 -38.94 5.74 -9.69
C VAL C 124 -40.25 6.51 -9.72
N GLU C 125 -40.73 6.73 -10.94
CA GLU C 125 -41.97 7.45 -11.13
C GLU C 125 -43.01 6.43 -11.55
N ASN C 126 -43.72 5.94 -10.54
CA ASN C 126 -44.76 4.95 -10.74
C ASN C 126 -44.42 3.81 -11.68
N ASP C 127 -43.67 2.87 -11.11
CA ASP C 127 -43.25 1.66 -11.77
C ASP C 127 -42.17 1.78 -12.83
N ALA C 128 -41.74 3.00 -13.14
CA ALA C 128 -40.72 3.14 -14.14
C ALA C 128 -39.65 4.11 -13.71
N LEU C 129 -38.50 3.99 -14.35
CA LEU C 129 -37.39 4.85 -14.05
C LEU C 129 -37.68 6.25 -14.54
N ASN C 130 -37.37 7.22 -13.70
CA ASN C 130 -37.56 8.62 -13.95
C ASN C 130 -36.50 9.20 -14.88
N GLY C 131 -35.26 8.79 -14.64
CA GLY C 131 -34.17 9.31 -15.44
C GLY C 131 -33.38 10.20 -14.51
N LEU C 132 -33.87 10.31 -13.28
CA LEU C 132 -33.23 11.12 -12.24
C LEU C 132 -32.55 10.25 -11.19
N VAL C 133 -31.66 10.85 -10.43
CA VAL C 133 -30.90 10.15 -9.39
C VAL C 133 -30.34 11.10 -8.32
N THR C 134 -30.31 10.61 -7.08
CA THR C 134 -29.79 11.37 -5.94
C THR C 134 -29.18 10.36 -4.97
N GLY C 135 -28.48 10.84 -3.95
CA GLY C 135 -27.90 9.91 -3.00
C GLY C 135 -26.54 10.26 -2.41
N HIS C 136 -25.91 9.22 -1.87
CA HIS C 136 -24.61 9.29 -1.21
C HIS C 136 -23.38 9.65 -2.06
N PHE C 139 -20.88 12.86 -6.34
CA PHE C 139 -19.68 13.52 -6.83
C PHE C 139 -18.45 12.63 -6.90
N SER C 140 -17.42 13.13 -7.58
CA SER C 140 -16.21 12.35 -7.74
C SER C 140 -15.23 12.31 -6.57
N HIS C 141 -15.61 12.88 -5.44
CA HIS C 141 -14.76 12.84 -4.27
C HIS C 141 -15.62 12.37 -3.13
N SER C 142 -16.80 11.90 -3.52
CA SER C 142 -17.80 11.36 -2.60
C SER C 142 -17.26 10.14 -1.86
N LYS C 143 -16.52 9.30 -2.56
CA LYS C 143 -15.94 8.10 -1.95
C LYS C 143 -14.95 8.47 -0.84
N GLY C 144 -14.06 9.43 -1.12
CA GLY C 144 -13.11 9.85 -0.11
C GLY C 144 -13.78 10.52 1.08
N GLU C 145 -14.84 11.27 0.83
CA GLU C 145 -15.57 11.93 1.90
C GLU C 145 -16.27 10.88 2.77
N LEU C 147 -15.46 7.85 3.10
CA LEU C 147 -14.47 7.05 3.82
C LEU C 147 -14.11 7.75 5.13
N LEU C 148 -13.79 9.04 5.03
CA LEU C 148 -13.44 9.85 6.19
C LEU C 148 -14.57 9.78 7.22
N VAL C 149 -15.80 9.83 6.74
CA VAL C 149 -16.96 9.75 7.60
C VAL C 149 -16.98 8.40 8.30
N LEU C 150 -16.82 7.33 7.51
CA LEU C 150 -16.81 6.00 8.08
C LEU C 150 -15.68 5.80 9.07
N GLN C 151 -14.55 6.45 8.84
CA GLN C 151 -13.42 6.32 9.74
C GLN C 151 -13.67 7.05 11.05
N ARG C 152 -14.33 8.20 10.96
CA ARG C 152 -14.65 8.99 12.15
C ARG C 152 -15.63 8.18 13.00
N LEU C 153 -16.61 7.57 12.34
CA LEU C 153 -17.65 6.80 13.03
C LEU C 153 -17.31 5.44 13.65
N LEU C 154 -16.45 4.66 13.01
CA LEU C 154 -16.07 3.35 13.55
C LEU C 154 -14.83 3.52 14.39
N ASN C 155 -14.29 4.73 14.38
CA ASN C 155 -13.05 5.04 15.09
C ASN C 155 -11.94 4.09 14.64
N ILE C 156 -11.67 4.13 13.34
CA ILE C 156 -10.64 3.31 12.73
C ILE C 156 -9.79 4.29 11.94
N SER C 157 -8.48 4.23 12.15
CA SER C 157 -7.56 5.14 11.49
C SER C 157 -7.21 4.74 10.07
N LYS C 158 -6.42 5.60 9.43
CA LYS C 158 -5.97 5.37 8.06
C LYS C 158 -5.07 4.14 8.07
N THR C 159 -4.29 4.02 9.14
CA THR C 159 -3.38 2.91 9.33
C THR C 159 -4.06 1.57 9.12
N ASN C 160 -5.24 1.42 9.73
CA ASN C 160 -6.00 0.18 9.66
C ASN C 160 -7.08 0.16 8.58
N THR C 161 -6.90 0.95 7.53
CA THR C 161 -7.86 0.98 6.44
C THR C 161 -7.26 0.39 5.17
N LEU C 162 -8.05 -0.45 4.49
CA LEU C 162 -7.64 -1.07 3.24
C LEU C 162 -8.70 -0.71 2.17
N VAL C 163 -8.25 -0.26 1.01
CA VAL C 163 -9.18 0.10 -0.06
C VAL C 163 -8.88 -0.71 -1.31
N VAL C 164 -9.94 -1.06 -2.05
CA VAL C 164 -9.78 -1.84 -3.27
C VAL C 164 -10.65 -1.23 -4.37
N GLY C 165 -10.05 -0.90 -5.49
CA GLY C 165 -10.82 -0.29 -6.57
C GLY C 165 -10.17 -0.46 -7.94
N ASP C 166 -10.71 0.21 -8.95
CA ASP C 166 -10.19 0.08 -10.30
C ASP C 166 -10.09 1.40 -11.06
N GLY C 167 -10.92 2.37 -10.71
CA GLY C 167 -10.92 3.62 -11.45
C GLY C 167 -10.39 4.86 -10.75
N ALA C 168 -10.42 5.97 -11.50
CA ALA C 168 -9.96 7.27 -11.04
C ALA C 168 -10.66 7.74 -9.78
N ASN C 169 -11.98 7.60 -9.75
CA ASN C 169 -12.73 8.02 -8.58
C ASN C 169 -12.07 7.44 -7.33
N ASP C 170 -11.79 6.15 -7.39
CA ASP C 170 -11.17 5.45 -6.28
C ASP C 170 -9.90 6.12 -5.75
N LEU C 171 -9.38 7.10 -6.48
CA LEU C 171 -8.21 7.81 -5.98
C LEU C 171 -8.58 8.58 -4.72
N SER C 172 -9.84 8.99 -4.62
CA SER C 172 -10.28 9.74 -3.45
C SER C 172 -10.27 8.90 -2.16
N PHE C 174 -8.17 6.15 -1.83
CA PHE C 174 -6.78 5.70 -1.74
C PHE C 174 -6.10 6.72 -0.83
N LYS C 175 -6.47 7.97 -1.04
CA LYS C 175 -5.95 9.10 -0.29
C LYS C 175 -6.00 8.93 1.23
N HIS C 176 -6.98 8.17 1.73
CA HIS C 176 -7.08 7.99 3.17
C HIS C 176 -6.93 6.57 3.64
N ALA C 177 -6.18 5.78 2.89
CA ALA C 177 -5.97 4.38 3.23
C ALA C 177 -4.50 4.02 3.26
N HIS C 178 -4.14 3.17 4.21
CA HIS C 178 -2.76 2.71 4.35
C HIS C 178 -2.44 1.73 3.22
N ILE C 179 -3.34 0.79 2.99
CA ILE C 179 -3.13 -0.21 1.94
C ILE C 179 -4.12 0.03 0.80
N LYS C 180 -3.58 0.20 -0.41
CA LYS C 180 -4.39 0.49 -1.58
C LYS C 180 -4.21 -0.48 -2.73
N ILE C 181 -5.26 -1.26 -2.99
CA ILE C 181 -5.24 -2.25 -4.05
C ILE C 181 -5.89 -1.78 -5.35
N ALA C 182 -5.13 -1.85 -6.42
CA ALA C 182 -5.63 -1.48 -7.73
C ALA C 182 -6.01 -2.81 -8.36
N PHE C 183 -7.29 -3.14 -8.33
CA PHE C 183 -7.74 -4.40 -8.89
C PHE C 183 -8.01 -4.24 -10.38
N ASN C 184 -7.20 -4.91 -11.22
CA ASN C 184 -7.32 -4.83 -12.68
C ASN C 184 -7.69 -3.40 -13.00
N ALA C 185 -6.92 -2.49 -12.42
CA ALA C 185 -7.13 -1.07 -12.49
C ALA C 185 -6.61 -0.36 -13.73
N LYS C 186 -6.92 0.92 -13.78
CA LYS C 186 -6.49 1.82 -14.83
C LYS C 186 -5.16 2.42 -14.41
N GLU C 187 -4.36 2.81 -15.39
CA GLU C 187 -3.05 3.38 -15.15
C GLU C 187 -3.00 4.39 -14.01
N VAL C 188 -3.96 5.29 -13.94
CA VAL C 188 -3.94 6.30 -12.89
C VAL C 188 -3.96 5.69 -11.48
N LEU C 189 -4.89 4.78 -11.22
CA LEU C 189 -4.97 4.15 -9.88
C LEU C 189 -3.71 3.36 -9.60
N LYS C 190 -3.33 2.50 -10.54
CA LYS C 190 -2.14 1.66 -10.40
C LYS C 190 -0.91 2.43 -9.97
N GLN C 191 -0.76 3.65 -10.47
CA GLN C 191 0.41 4.47 -10.11
C GLN C 191 0.43 4.94 -8.65
N HIS C 192 -0.71 4.91 -7.98
CA HIS C 192 -0.75 5.36 -6.59
C HIS C 192 -1.03 4.20 -5.63
N ALA C 193 -1.19 3.01 -6.20
CA ALA C 193 -1.48 1.82 -5.44
C ALA C 193 -0.29 1.26 -4.67
N THR C 194 -0.61 0.48 -3.64
CA THR C 194 0.37 -0.18 -2.80
C THR C 194 0.71 -1.45 -3.57
N HIS C 195 -0.30 -2.00 -4.22
CA HIS C 195 -0.14 -3.23 -5.00
C HIS C 195 -1.27 -3.43 -6.03
N CYS C 196 -0.92 -4.02 -7.17
CA CYS C 196 -1.87 -4.26 -8.24
C CYS C 196 -2.16 -5.72 -8.48
N ILE C 197 -3.44 -6.04 -8.65
CA ILE C 197 -3.88 -7.39 -8.95
C ILE C 197 -4.21 -7.37 -10.44
N ASN C 198 -3.59 -8.25 -11.22
CA ASN C 198 -3.82 -8.25 -12.65
C ASN C 198 -4.52 -9.48 -13.23
N GLU C 199 -5.20 -10.22 -12.37
CA GLU C 199 -5.95 -11.38 -12.80
C GLU C 199 -7.33 -11.25 -12.14
N PRO C 200 -8.40 -11.48 -12.90
CA PRO C 200 -9.77 -11.38 -12.36
C PRO C 200 -10.12 -12.32 -11.19
N ASP C 201 -9.33 -12.27 -10.12
CA ASP C 201 -9.61 -13.10 -8.94
C ASP C 201 -9.33 -12.28 -7.69
N LEU C 202 -10.38 -11.83 -7.03
CA LEU C 202 -10.24 -11.02 -5.82
C LEU C 202 -9.51 -11.76 -4.70
N ALA C 203 -9.56 -13.09 -4.75
CA ALA C 203 -8.91 -13.91 -3.73
C ALA C 203 -7.40 -13.67 -3.73
N LEU C 204 -6.90 -13.09 -4.82
CA LEU C 204 -5.48 -12.77 -4.95
C LEU C 204 -5.11 -11.70 -3.92
N ILE C 205 -6.12 -11.14 -3.25
CA ILE C 205 -5.86 -10.12 -2.23
C ILE C 205 -5.69 -10.70 -0.81
N LYS C 206 -6.29 -11.85 -0.52
CA LYS C 206 -6.15 -12.38 0.83
C LYS C 206 -4.74 -12.61 1.37
N PRO C 207 -3.76 -12.89 0.48
CA PRO C 207 -2.41 -13.11 1.02
C PRO C 207 -1.81 -11.83 1.61
N LEU C 208 -2.52 -10.71 1.44
CA LEU C 208 -2.07 -9.41 1.93
C LEU C 208 -2.80 -8.83 3.14
N ILE C 209 -3.88 -9.47 3.58
CA ILE C 209 -4.61 -8.95 4.70
C ILE C 209 -3.99 -9.29 6.05
N GLU C 210 -3.59 -10.55 6.22
CA GLU C 210 -2.94 -10.99 7.45
C GLU C 210 -3.66 -10.71 8.76
N SER D 2 -21.49 1.19 29.44
CA SER D 2 -21.50 -0.22 29.94
C SER D 2 -21.43 -1.24 28.82
N LEU D 3 -22.29 -1.07 27.82
CA LEU D 3 -22.37 -1.95 26.66
C LEU D 3 -22.57 -1.05 25.42
N GLN D 4 -22.26 -1.57 24.24
CA GLN D 4 -22.35 -0.77 23.00
C GLN D 4 -23.77 -0.48 22.52
N LYS D 5 -24.18 0.78 22.61
CA LYS D 5 -25.52 1.19 22.18
C LYS D 5 -25.50 2.33 21.15
N LEU D 6 -26.63 2.56 20.48
CA LEU D 6 -26.72 3.59 19.46
C LEU D 6 -27.73 4.71 19.78
N ALA D 7 -27.27 5.95 19.70
CA ALA D 7 -28.15 7.11 19.96
C ALA D 7 -28.26 8.02 18.74
N VAL D 8 -29.47 8.17 18.20
CA VAL D 8 -29.64 9.02 17.04
C VAL D 8 -30.57 10.23 17.27
N PHE D 9 -30.07 11.41 16.92
CA PHE D 9 -30.78 12.67 17.06
C PHE D 9 -31.19 13.32 15.72
N ASP D 10 -32.37 13.94 15.68
CA ASP D 10 -32.80 14.67 14.49
C ASP D 10 -32.07 16.00 14.67
N PHE D 11 -31.91 16.74 13.59
CA PHE D 11 -31.20 18.01 13.70
C PHE D 11 -32.14 19.20 13.90
N ASP D 12 -32.89 19.55 12.86
CA ASP D 12 -33.80 20.67 12.94
C ASP D 12 -34.86 20.52 14.00
N SER D 13 -34.78 21.38 15.01
CA SER D 13 -35.70 21.43 16.13
C SER D 13 -35.55 20.27 17.10
N THR D 14 -34.32 19.82 17.28
CA THR D 14 -34.01 18.72 18.21
C THR D 14 -32.67 19.02 18.87
N LEU D 15 -31.69 19.41 18.05
CA LEU D 15 -30.37 19.76 18.57
C LEU D 15 -30.26 21.28 18.52
N VAL D 16 -30.78 21.84 17.44
CA VAL D 16 -30.76 23.29 17.27
C VAL D 16 -32.19 23.78 17.28
N ASN D 17 -32.41 24.85 18.03
CA ASN D 17 -33.72 25.46 18.16
C ASN D 17 -34.00 26.28 16.91
N ALA D 18 -34.21 25.60 15.80
CA ALA D 18 -34.48 26.26 14.54
C ALA D 18 -34.84 25.27 13.44
N GLU D 19 -34.88 25.77 12.22
CA GLU D 19 -35.19 24.97 11.05
C GLU D 19 -34.33 25.53 9.92
N THR D 20 -33.19 24.88 9.71
CA THR D 20 -32.19 25.25 8.70
C THR D 20 -32.69 25.87 7.39
N ILE D 21 -33.61 25.19 6.72
CA ILE D 21 -34.14 25.68 5.46
C ILE D 21 -34.71 27.10 5.59
N GLU D 22 -35.63 27.31 6.52
CA GLU D 22 -36.23 28.62 6.67
C GLU D 22 -35.31 29.69 7.27
N SER D 23 -34.38 29.29 8.14
CA SER D 23 -33.44 30.25 8.71
C SER D 23 -32.55 30.71 7.57
N LEU D 24 -32.41 29.83 6.58
CA LEU D 24 -31.59 30.08 5.40
C LEU D 24 -32.37 30.96 4.42
N ALA D 25 -33.68 30.75 4.38
CA ALA D 25 -34.55 31.51 3.51
C ALA D 25 -34.60 33.00 3.81
N ARG D 26 -34.86 33.35 5.07
CA ARG D 26 -34.94 34.76 5.43
C ARG D 26 -33.62 35.49 5.18
N ALA D 27 -32.51 34.79 5.40
CA ALA D 27 -31.21 35.39 5.17
C ALA D 27 -31.12 35.76 3.69
N TRP D 28 -31.88 35.06 2.87
CA TRP D 28 -31.91 35.29 1.43
C TRP D 28 -33.17 36.07 1.04
N GLY D 29 -34.03 36.32 2.03
CA GLY D 29 -35.25 37.08 1.80
C GLY D 29 -36.31 36.37 0.98
N VAL D 30 -36.43 35.07 1.18
CA VAL D 30 -37.41 34.27 0.45
C VAL D 30 -38.21 33.42 1.43
N PHE D 31 -38.07 33.73 2.71
CA PHE D 31 -38.75 33.00 3.78
C PHE D 31 -40.19 32.59 3.49
N ASP D 32 -41.07 33.55 3.24
CA ASP D 32 -42.48 33.28 2.99
C ASP D 32 -42.77 32.23 1.91
N GLU D 33 -41.94 32.20 0.87
CA GLU D 33 -42.12 31.22 -0.21
C GLU D 33 -41.81 29.83 0.32
N VAL D 34 -40.79 29.73 1.17
CA VAL D 34 -40.37 28.47 1.76
C VAL D 34 -41.40 28.03 2.79
N LYS D 35 -41.77 28.95 3.68
CA LYS D 35 -42.73 28.70 4.74
C LYS D 35 -44.05 28.15 4.19
N THR D 36 -44.37 28.51 2.94
CA THR D 36 -45.59 28.03 2.31
C THR D 36 -45.44 26.55 1.98
N ILE D 37 -44.41 26.24 1.19
CA ILE D 37 -44.13 24.88 0.78
C ILE D 37 -44.11 23.93 1.98
N THR D 38 -43.34 24.27 3.02
CA THR D 38 -43.27 23.42 4.20
C THR D 38 -44.66 23.05 4.72
N LEU D 39 -45.61 23.99 4.68
CA LEU D 39 -46.95 23.67 5.14
C LEU D 39 -47.74 22.91 4.08
N LYS D 40 -47.38 23.10 2.82
CA LYS D 40 -48.04 22.39 1.73
C LYS D 40 -47.48 20.97 1.77
N ALA D 41 -46.60 20.74 2.74
CA ALA D 41 -46.01 19.44 2.95
C ALA D 41 -46.63 18.94 4.23
N ASN D 43 -49.10 19.67 5.62
CA ASN D 43 -50.53 19.43 5.44
C ASN D 43 -50.78 17.96 5.13
N GLU D 45 -49.60 17.94 1.92
CA GLU D 45 -50.04 17.91 0.52
C GLU D 45 -48.98 17.29 -0.37
N THR D 46 -47.81 17.91 -0.42
CA THR D 46 -46.73 17.42 -1.25
C THR D 46 -45.92 16.39 -0.51
N ASP D 47 -45.34 15.46 -1.27
CA ASP D 47 -44.48 14.47 -0.68
C ASP D 47 -43.28 15.30 -0.27
N PHE D 48 -42.55 14.81 0.71
CA PHE D 48 -41.39 15.51 1.21
C PHE D 48 -40.32 15.81 0.14
N HIS D 49 -40.04 14.84 -0.72
CA HIS D 49 -39.02 14.99 -1.75
C HIS D 49 -39.25 16.25 -2.60
N LYS D 50 -40.49 16.50 -3.01
CA LYS D 50 -40.81 17.68 -3.82
C LYS D 50 -40.64 18.95 -2.99
N SER D 51 -41.13 18.91 -1.75
CA SER D 51 -41.04 20.05 -0.85
C SER D 51 -39.60 20.52 -0.76
N LEU D 52 -38.72 19.55 -0.50
CA LEU D 52 -37.30 19.82 -0.36
C LEU D 52 -36.68 20.45 -1.60
N ILE D 53 -36.84 19.80 -2.75
CA ILE D 53 -36.26 20.32 -3.98
C ILE D 53 -36.84 21.69 -4.32
N LEU D 54 -38.11 21.89 -3.97
CA LEU D 54 -38.80 23.16 -4.22
C LEU D 54 -38.19 24.27 -3.38
N ARG D 55 -38.18 24.06 -2.06
CA ARG D 55 -37.62 25.06 -1.15
C ARG D 55 -36.16 25.41 -1.46
N VAL D 56 -35.36 24.39 -1.80
CA VAL D 56 -33.97 24.63 -2.11
C VAL D 56 -33.84 25.41 -3.42
N SER D 57 -34.85 25.31 -4.28
CA SER D 57 -34.80 26.04 -5.54
C SER D 57 -35.01 27.54 -5.27
N LYS D 58 -35.69 27.86 -4.18
CA LYS D 58 -35.94 29.25 -3.81
C LYS D 58 -34.70 29.91 -3.24
N LEU D 59 -33.56 29.21 -3.32
CA LEU D 59 -32.32 29.75 -2.78
C LEU D 59 -31.20 30.01 -3.80
N LYS D 60 -31.51 29.91 -5.09
CA LYS D 60 -30.53 30.14 -6.15
C LYS D 60 -29.70 31.42 -6.01
N ASN D 61 -28.49 31.37 -6.53
CA ASN D 61 -27.58 32.52 -6.52
C ASN D 61 -27.12 32.94 -5.14
N PRO D 63 -24.87 33.18 -2.43
CA PRO D 63 -23.45 32.83 -2.28
C PRO D 63 -23.23 31.93 -1.06
N LEU D 64 -22.34 30.96 -1.20
CA LEU D 64 -22.09 30.05 -0.09
C LEU D 64 -21.63 30.73 1.17
N LYS D 65 -21.14 31.97 1.04
CA LYS D 65 -20.68 32.73 2.19
C LYS D 65 -21.82 32.96 3.18
N LEU D 66 -22.98 33.37 2.66
CA LEU D 66 -24.14 33.59 3.51
C LEU D 66 -24.60 32.27 4.11
N ALA D 67 -24.92 31.32 3.23
CA ALA D 67 -25.38 30.01 3.66
C ALA D 67 -24.48 29.44 4.75
N LYS D 68 -23.17 29.48 4.53
CA LYS D 68 -22.18 28.98 5.48
C LYS D 68 -22.27 29.75 6.79
N GLU D 69 -22.49 31.06 6.70
CA GLU D 69 -22.60 31.91 7.88
C GLU D 69 -23.86 31.53 8.66
N VAL D 70 -24.97 31.41 7.95
CA VAL D 70 -26.25 31.07 8.57
C VAL D 70 -26.28 29.64 9.12
N CYS D 71 -25.63 28.72 8.42
CA CYS D 71 -25.59 27.32 8.85
C CYS D 71 -24.72 27.06 10.08
N GLU D 72 -23.68 27.86 10.26
CA GLU D 72 -22.78 27.68 11.40
C GLU D 72 -23.15 28.62 12.53
N SER D 73 -24.35 29.20 12.44
CA SER D 73 -24.81 30.15 13.45
C SER D 73 -26.13 29.79 14.12
N LEU D 74 -26.64 28.60 13.83
CA LEU D 74 -27.88 28.16 14.43
C LEU D 74 -27.76 28.02 15.96
N PRO D 75 -28.86 28.28 16.68
CA PRO D 75 -28.92 28.20 18.15
C PRO D 75 -29.20 26.80 18.70
N LEU D 76 -28.21 26.23 19.41
CA LEU D 76 -28.37 24.90 19.98
C LEU D 76 -29.33 24.93 21.17
N PHE D 77 -30.14 23.87 21.29
CA PHE D 77 -31.07 23.77 22.40
C PHE D 77 -30.21 23.74 23.67
N GLU D 78 -30.80 24.17 24.78
CA GLU D 78 -30.10 24.21 26.05
C GLU D 78 -29.56 22.85 26.50
N GLY D 79 -28.28 22.84 26.89
CA GLY D 79 -27.66 21.63 27.37
C GLY D 79 -27.55 20.48 26.38
N ALA D 80 -26.93 20.74 25.23
CA ALA D 80 -26.77 19.72 24.21
C ALA D 80 -25.47 18.95 24.44
N LEU D 81 -24.44 19.67 24.86
CA LEU D 81 -23.15 19.04 25.10
C LEU D 81 -23.21 18.07 26.27
N GLU D 82 -23.97 18.41 27.30
CA GLU D 82 -24.10 17.54 28.46
C GLU D 82 -24.83 16.25 28.17
N LEU D 83 -25.75 16.28 27.21
CA LEU D 83 -26.51 15.08 26.84
C LEU D 83 -25.63 14.12 26.05
N VAL D 84 -25.03 14.65 24.99
CA VAL D 84 -24.14 13.85 24.14
C VAL D 84 -23.03 13.28 24.99
N SER D 85 -22.39 14.14 25.78
CA SER D 85 -21.31 13.73 26.65
C SER D 85 -21.74 12.59 27.56
N ALA D 86 -22.95 12.69 28.10
CA ALA D 86 -23.48 11.67 28.98
C ALA D 86 -23.59 10.34 28.23
N LEU D 87 -24.04 10.39 26.99
CA LEU D 87 -24.19 9.19 26.18
C LEU D 87 -22.86 8.51 25.91
N LYS D 88 -21.85 9.31 25.56
CA LYS D 88 -20.54 8.75 25.29
C LYS D 88 -20.01 8.01 26.50
N GLU D 89 -20.14 8.63 27.68
CA GLU D 89 -19.65 8.03 28.92
C GLU D 89 -20.26 6.65 29.12
N LYS D 90 -21.52 6.47 28.72
CA LYS D 90 -22.18 5.18 28.88
C LYS D 90 -22.11 4.31 27.63
N ASN D 91 -21.00 4.42 26.92
CA ASN D 91 -20.74 3.66 25.71
C ASN D 91 -21.82 3.76 24.65
N TYR D 92 -22.10 4.98 24.21
CA TYR D 92 -23.11 5.21 23.19
C TYR D 92 -22.48 5.81 21.95
N LYS D 93 -22.83 5.26 20.80
CA LYS D 93 -22.35 5.78 19.53
C LYS D 93 -23.42 6.84 19.25
N VAL D 94 -23.03 8.12 19.17
CA VAL D 94 -24.00 9.19 18.96
C VAL D 94 -23.96 9.84 17.58
N VAL D 95 -25.07 9.68 16.84
CA VAL D 95 -25.17 10.21 15.48
C VAL D 95 -26.38 11.13 15.28
N CYS D 96 -26.31 11.92 14.22
CA CYS D 96 -27.38 12.86 13.87
C CYS D 96 -27.87 12.69 12.44
N PHE D 97 -29.19 12.69 12.25
CA PHE D 97 -29.82 12.56 10.94
C PHE D 97 -30.53 13.86 10.59
N SER D 98 -30.64 14.16 9.30
CA SER D 98 -31.33 15.38 8.92
C SER D 98 -31.61 15.55 7.44
N GLY D 99 -32.84 15.97 7.16
CA GLY D 99 -33.24 16.25 5.79
C GLY D 99 -32.63 17.60 5.48
N GLY D 100 -31.88 18.10 6.47
CA GLY D 100 -31.20 19.38 6.34
C GLY D 100 -29.95 19.31 5.47
N PHE D 101 -28.90 20.03 5.85
CA PHE D 101 -27.69 20.06 5.02
C PHE D 101 -26.36 19.88 5.76
N ASP D 102 -25.38 19.32 5.05
CA ASP D 102 -24.06 19.07 5.63
C ASP D 102 -23.45 20.37 6.11
N LEU D 103 -23.68 21.43 5.34
CA LEU D 103 -23.18 22.75 5.67
C LEU D 103 -23.45 23.06 7.14
N ALA D 104 -24.62 22.64 7.63
CA ALA D 104 -24.94 22.88 9.03
C ALA D 104 -24.49 21.69 9.89
N THR D 105 -25.13 20.54 9.69
CA THR D 105 -24.84 19.32 10.46
C THR D 105 -23.36 18.96 10.64
N ASN D 106 -22.52 19.27 9.66
CA ASN D 106 -21.11 18.96 9.81
C ASN D 106 -20.49 19.84 10.89
N HIS D 107 -20.83 21.12 10.86
CA HIS D 107 -20.32 22.06 11.86
C HIS D 107 -20.65 21.60 13.27
N TYR D 108 -21.93 21.31 13.49
CA TYR D 108 -22.38 20.88 14.81
C TYR D 108 -21.86 19.50 15.21
N ARG D 109 -21.56 18.66 14.22
CA ARG D 109 -21.04 17.34 14.51
C ARG D 109 -19.68 17.50 15.17
N ASP D 110 -18.88 18.42 14.66
CA ASP D 110 -17.56 18.66 15.22
C ASP D 110 -17.64 19.37 16.57
N LEU D 111 -18.51 20.37 16.65
CA LEU D 111 -18.67 21.15 17.87
C LEU D 111 -19.25 20.30 19.00
N LEU D 112 -20.09 19.35 18.64
CA LEU D 112 -20.72 18.48 19.62
C LEU D 112 -19.97 17.17 19.80
N HIS D 113 -18.91 16.99 19.02
CA HIS D 113 -18.10 15.78 19.07
C HIS D 113 -18.96 14.55 18.82
N LEU D 114 -19.76 14.62 17.76
CA LEU D 114 -20.63 13.51 17.37
C LEU D 114 -19.81 12.54 16.53
N ASP D 115 -20.23 11.29 16.49
CA ASP D 115 -19.50 10.30 15.70
C ASP D 115 -19.80 10.44 14.22
N ALA D 116 -20.99 10.95 13.92
CA ALA D 116 -21.40 11.13 12.53
C ALA D 116 -22.69 11.93 12.39
N ALA D 117 -22.88 12.47 11.20
CA ALA D 117 -24.08 13.24 10.88
C ALA D 117 -24.38 12.90 9.42
N PHE D 118 -25.63 12.59 9.14
CA PHE D 118 -26.05 12.26 7.78
C PHE D 118 -27.17 13.19 7.33
N SER D 119 -26.92 13.93 6.26
CA SER D 119 -27.91 14.85 5.74
C SER D 119 -27.72 15.05 4.25
N ASN D 120 -28.24 16.18 3.75
CA ASN D 120 -28.17 16.48 2.33
C ASN D 120 -27.15 17.56 1.98
N THR D 121 -26.86 17.68 0.69
CA THR D 121 -25.88 18.66 0.22
C THR D 121 -26.47 19.71 -0.72
N LEU D 122 -26.25 20.98 -0.38
CA LEU D 122 -26.72 22.09 -1.20
C LEU D 122 -25.64 22.24 -2.27
N ILE D 123 -26.00 22.07 -3.53
CA ILE D 123 -25.00 22.15 -4.59
C ILE D 123 -24.49 23.55 -4.89
N VAL D 124 -23.18 23.67 -4.96
CA VAL D 124 -22.49 24.94 -5.22
C VAL D 124 -22.09 25.09 -6.69
N GLU D 125 -22.07 26.34 -7.14
CA GLU D 125 -21.71 26.67 -8.52
C GLU D 125 -21.02 28.03 -8.49
N ASN D 126 -19.73 28.04 -8.83
CA ASN D 126 -18.98 29.30 -8.83
C ASN D 126 -19.15 30.04 -7.51
N ASP D 127 -18.86 29.34 -6.41
CA ASP D 127 -18.94 29.91 -5.08
C ASP D 127 -20.34 30.36 -4.65
N ALA D 128 -21.37 29.87 -5.33
CA ALA D 128 -22.75 30.25 -4.98
C ALA D 128 -23.71 29.09 -5.11
N LEU D 129 -24.75 29.09 -4.28
CA LEU D 129 -25.74 28.02 -4.31
C LEU D 129 -26.44 27.88 -5.65
N ASN D 130 -26.51 26.64 -6.07
CA ASN D 130 -27.12 26.20 -7.32
C ASN D 130 -28.65 26.20 -7.22
N GLY D 131 -29.15 25.95 -6.02
CA GLY D 131 -30.59 25.88 -5.82
C GLY D 131 -30.96 24.41 -5.90
N LEU D 132 -29.93 23.57 -6.08
CA LEU D 132 -30.11 22.14 -6.17
C LEU D 132 -29.69 21.45 -4.88
N VAL D 133 -30.21 20.25 -4.67
CA VAL D 133 -29.89 19.49 -3.47
C VAL D 133 -29.94 17.99 -3.74
N THR D 134 -28.96 17.28 -3.21
CA THR D 134 -28.90 15.84 -3.35
C THR D 134 -28.36 15.37 -2.01
N GLY D 135 -28.28 14.07 -1.80
CA GLY D 135 -27.78 13.58 -0.53
C GLY D 135 -28.44 12.33 0.02
N HIS D 136 -28.16 12.07 1.29
CA HIS D 136 -28.65 10.89 2.00
C HIS D 136 -30.14 10.86 2.35
N PHE D 139 -35.92 11.65 1.10
CA PHE D 139 -37.33 11.27 1.14
C PHE D 139 -37.78 11.08 2.58
N SER D 140 -39.07 10.83 2.76
CA SER D 140 -39.59 10.57 4.09
C SER D 140 -39.12 9.14 4.30
N HIS D 141 -38.93 8.72 5.54
CA HIS D 141 -38.46 7.36 5.81
C HIS D 141 -36.95 7.21 5.55
N SER D 142 -36.31 8.24 5.00
CA SER D 142 -34.86 8.18 4.75
C SER D 142 -34.13 7.95 6.07
N LYS D 143 -34.70 8.45 7.16
CA LYS D 143 -34.12 8.30 8.48
C LYS D 143 -34.30 6.87 8.97
N GLY D 144 -35.44 6.29 8.65
CA GLY D 144 -35.70 4.93 9.05
C GLY D 144 -34.72 4.00 8.36
N GLU D 145 -34.40 4.31 7.11
CA GLU D 145 -33.47 3.50 6.35
C GLU D 145 -32.05 3.63 6.87
N LEU D 147 -31.09 4.26 9.67
CA LEU D 147 -31.01 3.64 10.98
C LEU D 147 -30.85 2.13 10.84
N LEU D 148 -31.48 1.56 9.82
CA LEU D 148 -31.38 0.13 9.54
C LEU D 148 -29.96 -0.14 9.04
N VAL D 149 -29.46 0.78 8.21
CA VAL D 149 -28.13 0.68 7.65
C VAL D 149 -27.09 0.81 8.78
N LEU D 150 -27.33 1.72 9.70
CA LEU D 150 -26.40 1.92 10.80
C LEU D 150 -26.36 0.75 11.78
N GLN D 151 -27.54 0.22 12.09
CA GLN D 151 -27.64 -0.91 13.01
C GLN D 151 -26.92 -2.12 12.43
N ARG D 152 -26.96 -2.27 11.11
CA ARG D 152 -26.30 -3.41 10.49
C ARG D 152 -24.79 -3.20 10.54
N LEU D 153 -24.33 -2.07 10.02
CA LEU D 153 -22.90 -1.78 10.02
C LEU D 153 -22.24 -1.82 11.39
N LEU D 154 -22.83 -1.15 12.37
CA LEU D 154 -22.28 -1.10 13.72
C LEU D 154 -22.64 -2.33 14.50
N ASN D 155 -23.58 -3.10 13.97
CA ASN D 155 -24.02 -4.31 14.64
C ASN D 155 -24.59 -3.95 16.02
N ILE D 156 -25.62 -3.10 16.01
CA ILE D 156 -26.31 -2.66 17.23
C ILE D 156 -27.82 -2.82 17.02
N SER D 157 -28.42 -3.66 17.87
CA SER D 157 -29.84 -3.98 17.83
C SER D 157 -30.81 -2.83 18.12
N LYS D 158 -32.08 -3.08 17.80
CA LYS D 158 -33.15 -2.12 18.04
C LYS D 158 -33.25 -1.93 19.55
N THR D 159 -33.03 -3.01 20.28
CA THR D 159 -33.12 -2.99 21.73
C THR D 159 -32.10 -2.06 22.34
N ASN D 160 -30.99 -1.84 21.65
CA ASN D 160 -29.94 -0.96 22.15
C ASN D 160 -29.88 0.37 21.42
N THR D 161 -30.96 0.70 20.74
CA THR D 161 -31.05 1.95 20.00
C THR D 161 -32.02 2.97 20.62
N LEU D 162 -31.50 4.17 20.84
CA LEU D 162 -32.29 5.25 21.40
C LEU D 162 -32.39 6.34 20.33
N VAL D 163 -33.61 6.84 20.13
CA VAL D 163 -33.85 7.88 19.13
C VAL D 163 -34.58 9.08 19.74
N VAL D 164 -34.32 10.26 19.15
CA VAL D 164 -34.90 11.54 19.57
C VAL D 164 -35.29 12.42 18.37
N GLY D 165 -36.57 12.76 18.28
CA GLY D 165 -37.07 13.59 17.18
C GLY D 165 -38.26 14.45 17.55
N ASP D 166 -38.57 15.46 16.73
CA ASP D 166 -39.69 16.35 17.01
C ASP D 166 -40.84 16.32 16.00
N GLY D 167 -40.55 16.03 14.74
CA GLY D 167 -41.60 16.01 13.74
C GLY D 167 -42.16 14.66 13.33
N ALA D 168 -43.13 14.67 12.42
CA ALA D 168 -43.75 13.43 11.93
C ALA D 168 -42.74 12.59 11.14
N ASN D 169 -41.71 13.25 10.63
CA ASN D 169 -40.66 12.59 9.86
C ASN D 169 -39.87 11.64 10.77
N ASP D 170 -39.71 12.04 12.02
CA ASP D 170 -38.96 11.24 12.99
C ASP D 170 -39.62 9.91 13.32
N LEU D 171 -40.84 9.71 12.83
CA LEU D 171 -41.53 8.46 13.09
C LEU D 171 -40.82 7.26 12.47
N SER D 172 -40.12 7.48 11.35
CA SER D 172 -39.40 6.40 10.70
C SER D 172 -38.30 5.87 11.61
N PHE D 174 -38.35 5.99 14.85
CA PHE D 174 -39.06 5.35 15.95
C PHE D 174 -39.33 3.88 15.70
N LYS D 175 -39.55 3.53 14.45
CA LYS D 175 -39.84 2.15 14.09
C LYS D 175 -38.72 1.17 14.47
N HIS D 176 -37.49 1.65 14.62
CA HIS D 176 -36.38 0.75 14.93
C HIS D 176 -35.61 1.11 16.19
N ALA D 177 -36.32 1.66 17.16
CA ALA D 177 -35.70 2.05 18.41
C ALA D 177 -36.49 1.49 19.60
N HIS D 178 -35.80 1.29 20.71
CA HIS D 178 -36.41 0.78 21.93
C HIS D 178 -36.89 1.99 22.72
N ILE D 179 -36.02 2.97 22.86
CA ILE D 179 -36.30 4.21 23.57
C ILE D 179 -36.57 5.30 22.53
N LYS D 180 -37.83 5.72 22.44
CA LYS D 180 -38.25 6.75 21.47
C LYS D 180 -38.67 8.03 22.15
N ILE D 181 -37.79 9.03 22.11
CA ILE D 181 -38.05 10.32 22.71
C ILE D 181 -38.72 11.30 21.73
N ALA D 182 -39.61 12.13 22.24
CA ALA D 182 -40.31 13.16 21.47
C ALA D 182 -39.96 14.41 22.24
N PHE D 183 -39.04 15.18 21.68
CA PHE D 183 -38.55 16.40 22.31
C PHE D 183 -39.27 17.63 21.74
N ASN D 184 -40.22 18.16 22.51
CA ASN D 184 -41.03 19.31 22.10
C ASN D 184 -41.59 19.04 20.73
N ALA D 185 -42.12 17.84 20.58
CA ALA D 185 -42.67 17.36 19.33
C ALA D 185 -44.10 17.76 19.04
N LYS D 186 -44.67 16.99 18.13
CA LYS D 186 -46.02 17.12 17.65
C LYS D 186 -46.68 15.83 18.11
N GLU D 187 -47.95 15.92 18.50
CA GLU D 187 -48.69 14.76 18.97
C GLU D 187 -48.57 13.57 18.03
N VAL D 188 -48.50 13.86 16.74
CA VAL D 188 -48.37 12.79 15.74
C VAL D 188 -47.24 11.89 16.21
N LEU D 189 -46.19 12.49 16.78
CA LEU D 189 -45.04 11.74 17.28
C LEU D 189 -45.25 11.20 18.68
N LYS D 190 -45.64 12.08 19.61
CA LYS D 190 -45.86 11.72 20.99
C LYS D 190 -46.85 10.56 21.19
N GLN D 191 -47.75 10.38 20.22
CA GLN D 191 -48.72 9.29 20.32
C GLN D 191 -48.01 7.94 20.22
N HIS D 192 -46.77 7.95 19.72
CA HIS D 192 -46.00 6.72 19.58
C HIS D 192 -44.79 6.70 20.52
N ALA D 193 -44.28 7.88 20.83
CA ALA D 193 -43.12 8.03 21.70
C ALA D 193 -43.23 7.28 23.03
N THR D 194 -42.10 6.79 23.53
CA THR D 194 -42.07 6.07 24.80
C THR D 194 -41.91 7.07 25.94
N HIS D 195 -41.23 8.17 25.62
CA HIS D 195 -40.99 9.25 26.58
C HIS D 195 -41.26 10.57 25.88
N CYS D 196 -41.57 11.60 26.67
CA CYS D 196 -41.83 12.93 26.13
C CYS D 196 -41.08 13.97 26.94
N ILE D 197 -40.59 14.99 26.23
CA ILE D 197 -39.87 16.08 26.86
C ILE D 197 -40.53 17.35 26.38
N ASN D 198 -41.50 17.82 27.16
CA ASN D 198 -42.24 19.04 26.80
C ASN D 198 -41.44 20.26 27.23
N GLU D 199 -40.29 20.02 27.86
CA GLU D 199 -39.45 21.11 28.29
C GLU D 199 -38.35 21.32 27.27
N PRO D 200 -38.13 22.58 26.86
CA PRO D 200 -37.11 22.94 25.88
C PRO D 200 -35.69 22.81 26.41
N ASP D 201 -35.37 21.65 26.95
CA ASP D 201 -34.03 21.42 27.50
C ASP D 201 -33.54 19.98 27.38
N LEU D 202 -32.42 19.81 26.67
CA LEU D 202 -31.80 18.49 26.54
C LEU D 202 -31.11 18.33 27.88
N ALA D 203 -30.29 17.30 28.03
CA ALA D 203 -29.60 17.09 29.31
C ALA D 203 -30.66 16.83 30.37
N LEU D 204 -31.89 16.67 29.90
CA LEU D 204 -33.01 16.39 30.78
C LEU D 204 -33.42 14.96 30.45
N ILE D 205 -32.76 14.41 29.44
CA ILE D 205 -33.01 13.04 28.98
C ILE D 205 -31.93 12.21 29.61
N LYS D 206 -30.89 12.93 30.02
CA LYS D 206 -29.76 12.29 30.65
C LYS D 206 -30.29 11.31 31.72
N PRO D 207 -31.34 11.70 32.42
CA PRO D 207 -31.94 10.82 33.46
C PRO D 207 -32.52 9.53 32.90
N LEU D 208 -32.83 9.50 31.62
CA LEU D 208 -33.40 8.24 31.08
C LEU D 208 -32.44 7.18 30.52
#